data_7YJM
#
_entry.id   7YJM
#
_cell.length_a   1.00
_cell.length_b   1.00
_cell.length_c   1.00
_cell.angle_alpha   90.00
_cell.angle_beta   90.00
_cell.angle_gamma   90.00
#
_symmetry.space_group_name_H-M   'P 1'
#
loop_
_entity.id
_entity.type
_entity.pdbx_description
1 polymer atLCB1
2 polymer 'Long chain base biosynthesis protein 2a'
3 polymer 'ORMDL family protein'
4 polymer atLCB1
5 polymer 'Transmembrane protein, putative (DUF3317)'
6 non-polymer "PYRIDOXAL-5'-PHOSPHATE"
7 non-polymer N-[(2S,3R,4E)-1,3-dihydroxyoctadec-4-en-2-yl]tetracosanamide
#
loop_
_entity_poly.entity_id
_entity_poly.type
_entity_poly.pdbx_seq_one_letter_code
_entity_poly.pdbx_strand_id
1 'polypeptide(L)'
;PLTEQEIDELCDEWVPEPLIPPITEDMKHEPPVLESAAGPHTTVNGKDVVNFASANYLGLIGHEKLLESCTSALEKYGVG
SCGPRGFYGTIDVHLDCETRISKFLGTPDSILYSYGLSTMFSTIPCFCKKGDVIVADEGVHWGIQNGLQLSRSTIVYFKH
NDMESLRITLEKIMTKYKRSKNLRRYIVAEAVYQNSGQIAPLDEIVKLKEKYRFRVILDESNSFGVLGRSGRGLAEHHSV
PIEKIDVVTAAMGHALATEGGFCTGNARIIDYQRLSSSGYVFSASLPPYLASAAITAIDVIDQNPDMLVKLKQNVALLWK
GLSDIKGMSLTSNRESPIVFLKLEKSSGSAKDDLLLLEKMADRALKEDSLLVVSSKRSFLDKCRLPVGIKLYVSAGHSES
DLLKASESLKRLASELLLKS
;
A
2 'polypeptide(L)'
;MITIPYLTAVSTYFSYGLLFAFGQLRDFFRRFIDWWFTSNLQGYAPICLGHEDFYIRRLYHRIQDCFERPISSAPDAWFD
VVERYSNDNNKTLKRTTKTSRCLNLGSYNYLGFGSFDEYCTPRVIESLKKFSASTCSSRVDAGTTSVHAELEECVTRFVG
KPAAVVFGMGYATNSAIIPVLIGKGGLIISDSLNHSSIVNGARGSGATIRVFQHNTPSHLERVLREQIAEGQPRTHRPWK
KIIVVVEGIYSMEGEICHLPEVVAICKKYKAYVYLDEAHSIGAIGKTGKGICELLGVDTADVDVMMGTFTKSFGSCGGYI
AGSKELIQYLKHQCPAHLYATSIPTPSAQQIISAIKVILGEDGSNRGAQKLARIRENSNFFRAELQKMGFEVLGDNDSPV
MPIMLYNPAKIPAFSRECLRQKVAVVVVGFPATPLLLARARICISASHSREDLIRALKVISKVGDLSGIKYFPAEPKKIE
QSKNDIKLD
;
B
3 'polypeptide(L)'
;MANLYVKAVPPPDMNRNTEWFMYPGVWTTYMLILFFGWLVVLSVSGCSPGMAWTVVNLAHFVVTYHSFHWMKGTPFADDQ
GIYNGLTWWEQMDNGQQLTRNRKFLTLVPVVLYLIASHTTDYRHPWLFLNTLAVMVLVVAKFPNMHKVRIFGINGDK
;
D
4 'polypeptide(L)' MASNLVEMFNAALNWVTMILESPSARVVLFGVPIRGHFFVEGLLGVVIIILLTRKSYKPPKR E
5 'polypeptide(L)' MADYKDDDDKSGPDEVDASGRMNWVQRKIYLYNVTFGLYMLDWWERYLFNSLVVVLMWFVLYNGTRYFSELFQRHLT C
#
loop_
_chem_comp.id
_chem_comp.type
_chem_comp.name
_chem_comp.formula
PLP non-polymer PYRIDOXAL-5'-PHOSPHATE 'C8 H10 N O6 P'
Z1T non-polymer N-[(2S,3R,4E)-1,3-dihydroxyoctadec-4-en-2-yl]tetracosanamide 'C42 H83 N O3'
#
# COMPACT_ATOMS: atom_id res chain seq x y z
N PRO A 1 -22.16 -1.41 -37.13
CA PRO A 1 -22.20 -1.36 -35.67
C PRO A 1 -23.42 -2.06 -35.09
N LEU A 2 -23.23 -2.76 -33.97
CA LEU A 2 -24.33 -3.48 -33.36
C LEU A 2 -25.41 -2.50 -32.88
N THR A 3 -26.66 -2.84 -33.17
CA THR A 3 -27.77 -1.99 -32.75
C THR A 3 -28.00 -2.17 -31.25
N GLU A 4 -28.73 -1.22 -30.66
CA GLU A 4 -29.04 -1.30 -29.24
C GLU A 4 -30.11 -2.33 -28.93
N GLN A 5 -30.64 -3.00 -29.95
CA GLN A 5 -31.49 -4.17 -29.75
C GLN A 5 -30.75 -5.47 -29.98
N GLU A 6 -29.81 -5.51 -30.92
CA GLU A 6 -28.95 -6.68 -31.06
C GLU A 6 -28.12 -6.93 -29.82
N ILE A 7 -27.69 -5.86 -29.14
CA ILE A 7 -26.93 -6.00 -27.90
C ILE A 7 -27.74 -6.63 -26.79
N ASP A 8 -29.04 -6.37 -26.72
CA ASP A 8 -29.88 -6.87 -25.64
C ASP A 8 -30.02 -8.38 -25.64
N GLU A 9 -29.75 -9.06 -26.76
CA GLU A 9 -29.77 -10.52 -26.72
C GLU A 9 -28.46 -11.09 -26.20
N LEU A 10 -27.33 -10.48 -26.58
CA LEU A 10 -26.04 -11.01 -26.16
C LEU A 10 -25.86 -10.96 -24.65
N CYS A 11 -26.53 -10.04 -23.97
CA CYS A 11 -26.49 -9.97 -22.52
C CYS A 11 -27.49 -10.92 -21.87
N ASP A 12 -28.31 -11.61 -22.67
CA ASP A 12 -29.26 -12.58 -22.15
C ASP A 12 -28.85 -14.02 -22.38
N GLU A 13 -28.12 -14.31 -23.46
CA GLU A 13 -27.59 -15.64 -23.71
C GLU A 13 -26.31 -15.89 -22.93
N TRP A 14 -25.74 -14.87 -22.31
CA TRP A 14 -24.54 -15.04 -21.51
C TRP A 14 -24.92 -15.64 -20.16
N VAL A 15 -24.18 -16.68 -19.74
CA VAL A 15 -24.38 -17.31 -18.46
C VAL A 15 -23.03 -17.47 -17.78
N PRO A 16 -22.86 -17.01 -16.55
CA PRO A 16 -21.53 -17.04 -15.93
C PRO A 16 -21.27 -18.35 -15.21
N GLU A 17 -20.01 -18.51 -14.80
CA GLU A 17 -19.59 -19.63 -13.98
C GLU A 17 -19.97 -19.39 -12.53
N PRO A 18 -20.11 -20.44 -11.73
CA PRO A 18 -20.41 -20.24 -10.31
C PRO A 18 -19.26 -19.54 -9.61
N LEU A 19 -19.57 -18.84 -8.52
CA LEU A 19 -18.54 -18.10 -7.80
C LEU A 19 -17.48 -19.03 -7.24
N ILE A 20 -17.89 -20.18 -6.71
CA ILE A 20 -16.96 -21.17 -6.16
C ILE A 20 -17.34 -22.55 -6.70
N PRO A 21 -16.39 -23.49 -6.77
CA PRO A 21 -16.73 -24.84 -7.20
C PRO A 21 -17.46 -25.60 -6.11
N PRO A 22 -18.17 -26.68 -6.45
CA PRO A 22 -18.94 -27.42 -5.46
C PRO A 22 -18.08 -27.98 -4.33
N ILE A 23 -18.59 -27.89 -3.10
CA ILE A 23 -17.86 -28.39 -1.93
C ILE A 23 -18.02 -29.90 -1.80
N THR A 24 -16.90 -30.61 -1.78
CA THR A 24 -16.93 -32.08 -1.68
C THR A 24 -16.97 -32.55 -0.23
N GLU A 25 -16.73 -33.84 -0.03
CA GLU A 25 -16.75 -34.42 1.31
C GLU A 25 -15.37 -34.46 1.94
N ASP A 26 -14.34 -34.37 1.09
CA ASP A 26 -12.97 -34.39 1.57
C ASP A 26 -12.39 -32.97 1.56
N MET A 27 -13.28 -31.99 1.58
CA MET A 27 -12.90 -30.60 1.57
C MET A 27 -13.44 -29.92 2.82
N LYS A 28 -13.54 -30.69 3.91
CA LYS A 28 -14.04 -30.16 5.17
C LYS A 28 -13.61 -30.97 6.39
N HIS A 29 -12.58 -30.48 7.09
CA HIS A 29 -12.08 -31.14 8.30
C HIS A 29 -11.60 -30.09 9.30
N GLU A 30 -12.42 -29.87 10.33
CA GLU A 30 -12.11 -28.88 11.36
C GLU A 30 -10.91 -29.26 12.22
N PRO A 31 -10.01 -28.29 12.44
CA PRO A 31 -8.80 -28.45 13.24
C PRO A 31 -9.12 -28.41 14.73
N PRO A 32 -8.19 -28.83 15.58
CA PRO A 32 -8.37 -28.87 17.04
C PRO A 32 -8.52 -27.50 17.70
N VAL A 33 -9.37 -27.42 18.71
CA VAL A 33 -9.58 -26.20 19.48
C VAL A 33 -8.90 -26.48 20.81
N LEU A 34 -7.84 -25.74 21.10
CA LEU A 34 -7.05 -25.96 22.29
C LEU A 34 -7.27 -24.83 23.30
N GLU A 35 -7.01 -25.15 24.57
CA GLU A 35 -7.16 -24.20 25.65
C GLU A 35 -5.85 -24.12 26.42
N SER A 36 -5.75 -23.13 27.31
CA SER A 36 -4.56 -22.88 28.13
C SER A 36 -3.27 -22.75 27.34
N ALA A 37 -3.10 -21.59 26.69
CA ALA A 37 -1.92 -21.26 25.87
C ALA A 37 -1.62 -22.25 24.75
N ALA A 38 -0.35 -22.36 24.39
CA ALA A 38 0.06 -23.26 23.31
C ALA A 38 1.52 -23.65 23.39
N GLY A 39 2.01 -23.94 24.59
CA GLY A 39 3.40 -24.33 24.77
C GLY A 39 3.61 -25.83 24.61
N PRO A 40 4.79 -26.32 25.01
CA PRO A 40 5.10 -27.74 24.91
C PRO A 40 3.95 -28.63 25.38
N HIS A 41 3.40 -28.32 26.55
CA HIS A 41 2.28 -29.08 27.09
C HIS A 41 1.03 -28.23 27.04
N THR A 42 0.18 -28.49 26.04
CA THR A 42 -1.05 -27.73 25.88
C THR A 42 -2.25 -28.52 26.40
N THR A 43 -3.44 -28.20 25.92
CA THR A 43 -4.65 -28.91 26.34
C THR A 43 -5.73 -28.90 25.26
N VAL A 44 -6.19 -30.09 24.88
CA VAL A 44 -7.24 -30.22 23.88
C VAL A 44 -8.26 -31.22 24.40
N ASN A 45 -9.53 -30.83 24.35
CA ASN A 45 -10.63 -31.68 24.78
C ASN A 45 -10.43 -32.27 26.18
N GLY A 46 -9.89 -31.47 27.10
CA GLY A 46 -9.68 -31.92 28.45
C GLY A 46 -8.34 -32.58 28.71
N LYS A 47 -7.98 -33.55 27.88
CA LYS A 47 -6.72 -34.26 28.04
C LYS A 47 -5.51 -33.40 27.67
N ASP A 48 -4.40 -33.67 28.35
CA ASP A 48 -3.16 -32.95 28.13
C ASP A 48 -2.39 -33.56 26.96
N VAL A 49 -2.08 -32.76 25.96
CA VAL A 49 -1.35 -33.23 24.78
C VAL A 49 0.01 -32.59 24.65
N VAL A 50 0.86 -33.15 23.78
CA VAL A 50 2.20 -32.62 23.55
C VAL A 50 2.22 -31.80 22.26
N ASN A 51 2.62 -30.54 22.37
CA ASN A 51 2.65 -29.64 21.22
C ASN A 51 3.90 -29.74 20.37
N PHE A 52 3.71 -29.88 19.07
CA PHE A 52 4.80 -29.97 18.12
C PHE A 52 4.42 -29.23 16.84
N ALA A 53 3.45 -28.33 16.95
CA ALA A 53 2.98 -27.59 15.79
C ALA A 53 3.17 -26.09 15.92
N SER A 54 3.63 -25.65 17.09
CA SER A 54 3.85 -24.23 17.31
C SER A 54 5.32 -23.88 17.12
N ALA A 55 5.56 -22.80 16.41
CA ALA A 55 6.92 -22.37 16.08
C ALA A 55 7.51 -21.46 17.13
N ASN A 56 7.53 -21.84 18.40
CA ASN A 56 8.32 -21.15 19.40
C ASN A 56 9.55 -22.00 19.69
N TYR A 57 10.71 -21.52 19.25
CA TYR A 57 11.92 -22.31 19.40
C TYR A 57 12.57 -22.07 20.77
N LEU A 58 12.47 -20.85 21.30
CA LEU A 58 13.15 -20.54 22.54
C LEU A 58 12.28 -20.76 23.77
N GLY A 59 11.03 -21.17 23.59
CA GLY A 59 10.13 -21.39 24.71
C GLY A 59 9.75 -20.14 25.46
N LEU A 60 9.42 -19.07 24.73
CA LEU A 60 9.05 -17.80 25.36
C LEU A 60 7.56 -17.61 25.53
N ILE A 61 6.73 -18.53 25.03
CA ILE A 61 5.28 -18.44 25.24
C ILE A 61 4.99 -18.67 26.71
N GLY A 62 4.27 -17.74 27.33
CA GLY A 62 3.95 -17.84 28.74
C GLY A 62 5.04 -17.41 29.68
N HIS A 63 6.08 -16.73 29.18
CA HIS A 63 7.18 -16.30 30.03
C HIS A 63 6.68 -15.32 31.08
N GLU A 64 7.28 -15.39 32.27
CA GLU A 64 6.86 -14.51 33.36
C GLU A 64 7.12 -13.05 33.03
N LYS A 65 8.24 -12.78 32.38
CA LYS A 65 8.69 -11.41 32.14
C LYS A 65 8.08 -10.80 30.88
N LEU A 66 7.45 -11.60 30.02
CA LEU A 66 6.72 -11.06 28.90
C LEU A 66 5.31 -10.62 29.26
N LEU A 67 4.63 -11.37 30.12
CA LEU A 67 3.31 -10.96 30.59
C LEU A 67 3.34 -9.66 31.37
N GLU A 68 4.32 -9.47 32.24
CA GLU A 68 4.47 -8.24 32.99
C GLU A 68 4.77 -7.04 32.12
N SER A 69 5.38 -7.24 30.96
CA SER A 69 5.64 -6.14 30.03
C SER A 69 4.50 -5.90 29.06
N CYS A 70 3.70 -6.93 28.75
CA CYS A 70 2.51 -6.73 27.95
C CYS A 70 1.40 -6.04 28.74
N THR A 71 1.23 -6.41 30.02
CA THR A 71 0.18 -5.80 30.82
C THR A 71 0.43 -4.32 31.05
N SER A 72 1.68 -3.93 31.32
CA SER A 72 1.98 -2.54 31.61
C SER A 72 1.73 -1.64 30.40
N ALA A 73 2.05 -2.12 29.21
CA ALA A 73 1.83 -1.38 27.98
C ALA A 73 0.42 -1.57 27.44
N LEU A 74 -0.34 -2.51 28.00
CA LEU A 74 -1.73 -2.71 27.62
C LEU A 74 -2.69 -1.88 28.46
N GLU A 75 -2.33 -1.59 29.70
CA GLU A 75 -3.10 -0.68 30.55
C GLU A 75 -2.82 0.79 30.27
N LYS A 76 -1.85 1.09 29.40
CA LYS A 76 -1.42 2.46 29.14
C LYS A 76 -1.81 2.94 27.74
N TYR A 77 -1.70 2.07 26.74
CA TYR A 77 -1.96 2.47 25.36
C TYR A 77 -3.28 1.92 24.81
N GLY A 78 -3.74 0.79 25.30
CA GLY A 78 -4.90 0.13 24.73
C GLY A 78 -4.52 -1.03 23.84
N VAL A 79 -5.54 -1.59 23.19
CA VAL A 79 -5.37 -2.79 22.39
C VAL A 79 -5.28 -2.48 20.90
N GLY A 80 -5.41 -1.21 20.53
CA GLY A 80 -5.48 -0.84 19.12
C GLY A 80 -4.44 0.19 18.76
N SER A 81 -4.19 0.29 17.46
CA SER A 81 -3.21 1.21 16.89
C SER A 81 -3.84 2.51 16.42
N CYS A 82 -5.03 2.43 15.81
CA CYS A 82 -5.71 3.61 15.30
C CYS A 82 -4.85 4.41 14.34
N GLY A 83 -5.01 4.16 13.04
CA GLY A 83 -4.26 4.88 12.04
C GLY A 83 -2.91 4.32 11.63
N PRO A 84 -2.43 4.74 10.46
CA PRO A 84 -1.16 4.37 9.82
C PRO A 84 0.06 5.03 10.47
N ARG A 85 1.24 4.70 9.98
CA ARG A 85 2.48 5.25 10.51
C ARG A 85 2.81 6.60 9.91
N GLY A 86 2.20 6.93 8.79
CA GLY A 86 2.45 8.19 8.13
C GLY A 86 1.63 9.33 8.69
N PHE A 87 0.66 9.00 9.53
CA PHE A 87 -0.20 10.01 10.14
C PHE A 87 0.09 10.09 11.63
N TYR A 88 -0.84 9.58 12.44
CA TYR A 88 -0.68 9.60 13.89
C TYR A 88 -0.67 8.20 14.46
N GLY A 89 -0.02 7.28 13.76
CA GLY A 89 0.06 5.90 14.21
C GLY A 89 1.46 5.54 14.61
N THR A 90 2.25 6.55 14.94
CA THR A 90 3.64 6.34 15.33
C THR A 90 3.88 6.60 16.82
N ILE A 91 3.68 5.60 17.65
CA ILE A 91 3.91 5.74 19.09
C ILE A 91 5.41 5.58 19.35
N ASP A 92 5.87 6.03 20.51
CA ASP A 92 7.29 5.93 20.82
C ASP A 92 7.82 4.49 20.89
N VAL A 93 7.02 3.58 21.41
CA VAL A 93 7.45 2.18 21.52
C VAL A 93 7.84 1.64 20.16
N HIS A 94 7.17 2.10 19.10
CA HIS A 94 7.52 1.70 17.75
C HIS A 94 8.93 2.11 17.37
N LEU A 95 9.36 3.30 17.79
CA LEU A 95 10.71 3.77 17.52
C LEU A 95 11.74 3.06 18.39
N ASP A 96 11.42 2.81 19.66
CA ASP A 96 12.32 2.05 20.52
C ASP A 96 12.53 0.61 20.04
N CYS A 97 11.50 -0.04 19.50
CA CYS A 97 11.67 -1.38 18.97
C CYS A 97 12.62 -1.41 17.78
N GLU A 98 12.48 -0.47 16.85
CA GLU A 98 13.40 -0.39 15.72
C GLU A 98 14.80 -0.04 16.14
N THR A 99 14.96 0.76 17.20
CA THR A 99 16.30 1.03 17.72
C THR A 99 16.92 -0.18 18.41
N ARG A 100 16.13 -0.96 19.13
CA ARG A 100 16.64 -2.17 19.77
C ARG A 100 17.02 -3.26 18.78
N ILE A 101 16.21 -3.48 17.75
CA ILE A 101 16.54 -4.53 16.79
C ILE A 101 17.86 -4.24 16.08
N SER A 102 18.06 -3.01 15.61
CA SER A 102 19.27 -2.66 14.89
C SER A 102 20.50 -2.73 15.78
N LYS A 103 20.39 -2.39 17.05
CA LYS A 103 21.49 -2.60 17.98
C LYS A 103 21.76 -4.07 18.22
N PHE A 104 20.71 -4.90 18.26
CA PHE A 104 20.91 -6.34 18.39
C PHE A 104 21.69 -6.90 17.22
N LEU A 105 21.27 -6.59 15.99
CA LEU A 105 21.95 -7.13 14.81
C LEU A 105 23.19 -6.36 14.41
N GLY A 106 23.37 -5.15 14.91
CA GLY A 106 24.50 -4.33 14.50
C GLY A 106 24.35 -3.80 13.09
N THR A 107 23.37 -2.93 12.89
CA THR A 107 23.02 -2.40 11.58
C THR A 107 22.51 -0.98 11.77
N PRO A 108 22.78 -0.08 10.80
CA PRO A 108 22.37 1.32 10.96
C PRO A 108 20.89 1.56 11.26
N ASP A 109 19.99 0.93 10.52
CA ASP A 109 18.57 1.28 10.60
C ASP A 109 17.71 0.03 10.53
N SER A 110 16.42 0.21 10.81
CA SER A 110 15.45 -0.87 10.77
C SER A 110 14.06 -0.27 10.54
N ILE A 111 13.11 -1.13 10.18
CA ILE A 111 11.74 -0.73 9.88
C ILE A 111 10.80 -1.85 10.30
N LEU A 112 9.62 -1.47 10.79
CA LEU A 112 8.65 -2.42 11.31
C LEU A 112 7.46 -2.54 10.37
N TYR A 113 6.93 -3.76 10.26
CA TYR A 113 5.72 -4.03 9.52
C TYR A 113 4.67 -4.62 10.45
N SER A 114 3.41 -4.44 10.10
CA SER A 114 2.29 -4.89 10.94
C SER A 114 2.06 -6.40 10.96
N TYR A 115 2.08 -7.03 9.80
CA TYR A 115 1.82 -8.45 9.69
C TYR A 115 3.09 -9.20 9.31
N GLY A 116 3.32 -10.34 9.95
CA GLY A 116 4.50 -11.15 9.68
C GLY A 116 4.61 -11.64 8.25
N LEU A 117 3.53 -12.17 7.72
CA LEU A 117 3.51 -12.71 6.36
C LEU A 117 3.53 -11.64 5.28
N SER A 118 3.12 -10.43 5.64
CA SER A 118 3.09 -9.33 4.68
C SER A 118 4.35 -8.49 4.66
N THR A 119 5.46 -9.03 5.15
CA THR A 119 6.71 -8.27 5.13
C THR A 119 7.54 -8.63 3.91
N MET A 120 6.99 -9.46 3.04
CA MET A 120 7.69 -9.87 1.83
C MET A 120 6.92 -9.47 0.58
N PHE A 121 5.69 -9.01 0.75
CA PHE A 121 4.90 -8.57 -0.39
C PHE A 121 5.33 -7.16 -0.73
N SER A 122 5.63 -6.39 0.30
CA SER A 122 6.02 -5.00 0.14
C SER A 122 7.52 -4.77 0.15
N THR A 123 8.29 -5.82 0.37
CA THR A 123 9.73 -5.69 0.41
C THR A 123 10.40 -6.09 -0.90
N ILE A 124 9.71 -6.91 -1.69
CA ILE A 124 10.26 -7.35 -2.95
C ILE A 124 9.80 -6.49 -4.11
N PRO A 125 8.50 -6.15 -4.14
CA PRO A 125 7.99 -5.31 -5.23
C PRO A 125 8.47 -3.86 -5.13
N CYS A 126 8.95 -3.48 -3.96
CA CYS A 126 9.41 -2.13 -3.72
C CYS A 126 10.85 -1.90 -4.16
N PHE A 127 11.57 -2.97 -4.44
CA PHE A 127 12.96 -2.87 -4.86
C PHE A 127 13.15 -3.19 -6.33
N CYS A 128 12.40 -4.16 -6.84
CA CYS A 128 12.51 -4.55 -8.22
C CYS A 128 11.30 -4.12 -9.05
N LYS A 129 11.56 -3.47 -10.17
CA LYS A 129 10.49 -3.00 -11.03
C LYS A 129 10.24 -3.98 -12.17
N LYS A 130 9.60 -3.50 -13.23
CA LYS A 130 9.26 -4.37 -14.36
C LYS A 130 10.36 -4.67 -15.37
N GLY A 131 11.55 -4.14 -15.16
CA GLY A 131 12.63 -4.39 -16.10
C GLY A 131 13.85 -5.07 -15.54
N ASP A 132 13.80 -5.42 -14.26
CA ASP A 132 14.93 -6.06 -13.59
C ASP A 132 14.87 -7.59 -13.63
N VAL A 133 15.92 -8.23 -13.13
CA VAL A 133 15.99 -9.69 -13.11
C VAL A 133 16.12 -10.22 -11.70
N ILE A 134 15.39 -11.30 -11.40
CA ILE A 134 15.40 -11.93 -10.10
C ILE A 134 15.70 -13.41 -10.28
N VAL A 135 16.56 -13.96 -9.42
CA VAL A 135 16.92 -15.36 -9.46
C VAL A 135 16.42 -15.99 -8.16
N ALA A 136 15.21 -16.54 -8.19
CA ALA A 136 14.58 -17.13 -7.01
C ALA A 136 15.15 -18.52 -6.77
N ASP A 137 14.56 -19.25 -5.81
CA ASP A 137 15.11 -20.55 -5.44
C ASP A 137 14.28 -21.80 -5.72
N GLU A 138 13.14 -21.66 -6.38
CA GLU A 138 12.28 -22.80 -6.71
C GLU A 138 11.99 -23.69 -5.50
N GLY A 139 11.61 -23.07 -4.40
CA GLY A 139 11.30 -23.78 -3.17
C GLY A 139 11.07 -22.77 -2.06
N VAL A 140 10.63 -21.59 -2.45
CA VAL A 140 10.36 -20.50 -1.53
C VAL A 140 8.87 -20.47 -1.18
N HIS A 141 8.55 -20.20 0.08
CA HIS A 141 7.16 -20.17 0.53
C HIS A 141 6.26 -19.13 -0.14
N TRP A 142 4.97 -19.38 -0.12
CA TRP A 142 3.99 -18.49 -0.76
C TRP A 142 4.21 -16.99 -0.57
N GLY A 143 4.57 -16.56 0.64
CA GLY A 143 4.80 -15.16 0.88
C GLY A 143 5.81 -14.55 -0.07
N ILE A 144 6.93 -15.25 -0.28
CA ILE A 144 7.99 -14.79 -1.16
C ILE A 144 7.64 -14.86 -2.64
N GLN A 145 6.90 -15.87 -3.04
CA GLN A 145 6.54 -16.03 -4.45
C GLN A 145 5.26 -15.31 -4.83
N ASN A 146 4.66 -14.58 -3.90
CA ASN A 146 3.63 -13.60 -4.23
C ASN A 146 4.20 -12.22 -4.50
N GLY A 147 5.21 -11.81 -3.75
CA GLY A 147 5.90 -10.57 -4.02
C GLY A 147 6.74 -10.66 -5.27
N LEU A 148 7.13 -11.86 -5.66
CA LEU A 148 7.80 -12.06 -6.94
C LEU A 148 6.89 -11.77 -8.11
N GLN A 149 5.60 -12.07 -7.97
CA GLN A 149 4.63 -11.81 -9.01
C GLN A 149 4.11 -10.38 -8.97
N LEU A 150 4.01 -9.77 -7.79
CA LEU A 150 3.55 -8.39 -7.71
C LEU A 150 4.50 -7.44 -8.43
N SER A 151 5.81 -7.66 -8.31
CA SER A 151 6.82 -6.90 -9.04
C SER A 151 6.97 -7.52 -10.43
N ARG A 152 6.34 -6.88 -11.40
CA ARG A 152 6.35 -7.39 -12.77
C ARG A 152 7.74 -7.45 -13.38
N SER A 153 8.59 -8.34 -12.88
CA SER A 153 9.94 -8.43 -13.44
C SER A 153 10.15 -9.85 -13.95
N THR A 154 11.38 -10.17 -14.32
CA THR A 154 11.73 -11.44 -14.95
C THR A 154 12.34 -12.36 -13.89
N ILE A 155 11.64 -13.45 -13.57
CA ILE A 155 12.05 -14.37 -12.51
C ILE A 155 12.60 -15.63 -13.14
N VAL A 156 13.78 -16.05 -12.70
CA VAL A 156 14.45 -17.26 -13.13
C VAL A 156 14.74 -18.10 -11.90
N TYR A 157 14.44 -19.39 -11.95
CA TYR A 157 14.61 -20.27 -10.82
C TYR A 157 15.87 -21.11 -10.97
N PHE A 158 16.28 -21.74 -9.86
CA PHE A 158 17.37 -22.69 -9.90
C PHE A 158 17.11 -23.79 -8.88
N LYS A 159 17.83 -24.91 -9.04
CA LYS A 159 17.67 -26.08 -8.20
C LYS A 159 17.74 -25.78 -6.71
N HIS A 160 16.92 -26.49 -5.94
CA HIS A 160 16.89 -26.30 -4.49
C HIS A 160 18.25 -26.55 -3.87
N ASN A 161 18.87 -25.51 -3.34
CA ASN A 161 20.15 -25.63 -2.65
C ASN A 161 21.29 -26.21 -3.48
N ASP A 162 21.25 -25.98 -4.78
CA ASP A 162 22.30 -26.51 -5.65
C ASP A 162 23.14 -25.33 -6.14
N MET A 163 24.28 -25.09 -5.49
CA MET A 163 25.15 -24.01 -5.90
C MET A 163 25.85 -24.27 -7.23
N GLU A 164 25.64 -25.48 -7.76
CA GLU A 164 26.18 -25.83 -9.07
C GLU A 164 25.21 -25.31 -10.12
N SER A 165 23.91 -25.35 -9.80
CA SER A 165 22.86 -24.85 -10.69
C SER A 165 22.63 -23.35 -10.53
N LEU A 166 23.26 -22.72 -9.54
CA LEU A 166 23.23 -21.27 -9.41
C LEU A 166 24.28 -20.61 -10.29
N ARG A 167 25.49 -21.18 -10.35
CA ARG A 167 26.53 -20.62 -11.20
C ARG A 167 26.15 -20.71 -12.67
N ILE A 168 25.55 -21.83 -13.07
CA ILE A 168 25.09 -21.98 -14.44
C ILE A 168 24.07 -20.91 -14.79
N THR A 169 23.12 -20.63 -13.90
CA THR A 169 22.12 -19.61 -14.16
C THR A 169 22.72 -18.21 -14.19
N LEU A 170 23.65 -17.91 -13.28
CA LEU A 170 24.28 -16.59 -13.28
C LEU A 170 25.10 -16.35 -14.55
N GLU A 171 25.79 -17.38 -15.00
CA GLU A 171 26.61 -17.29 -16.21
C GLU A 171 25.74 -16.97 -17.42
N LYS A 172 24.61 -17.66 -17.55
CA LYS A 172 23.68 -17.44 -18.66
C LYS A 172 22.95 -16.11 -18.55
N ILE A 173 22.72 -15.62 -17.33
CA ILE A 173 22.16 -14.28 -17.19
C ILE A 173 23.16 -13.21 -17.61
N MET A 174 24.43 -13.38 -17.29
CA MET A 174 25.47 -12.39 -17.62
C MET A 174 25.89 -12.48 -19.08
N THR A 175 25.09 -13.14 -19.92
CA THR A 175 25.39 -13.23 -21.35
C THR A 175 24.19 -12.78 -22.17
N LYS A 176 23.00 -13.19 -21.75
CA LYS A 176 21.78 -12.81 -22.45
C LYS A 176 21.48 -11.33 -22.27
N TYR A 177 22.26 -10.68 -21.42
CA TYR A 177 22.11 -9.26 -21.15
C TYR A 177 23.48 -8.62 -21.17
N LYS A 178 24.28 -8.99 -22.18
CA LYS A 178 25.63 -8.46 -22.33
C LYS A 178 25.62 -6.98 -22.73
N ARG A 179 24.60 -6.59 -23.47
CA ARG A 179 24.48 -5.21 -23.93
C ARG A 179 24.12 -4.24 -22.81
N SER A 180 22.93 -4.40 -22.24
CA SER A 180 22.47 -3.54 -21.16
C SER A 180 23.36 -3.58 -19.93
N LYS A 181 23.48 -2.46 -19.24
CA LYS A 181 24.29 -2.37 -18.03
C LYS A 181 23.60 -1.55 -16.95
N ASN A 182 22.35 -1.18 -17.23
CA ASN A 182 21.52 -0.44 -16.29
C ASN A 182 20.75 -1.43 -15.43
N LEU A 183 20.52 -2.61 -15.99
CA LEU A 183 19.80 -3.71 -15.35
C LEU A 183 20.20 -3.95 -13.91
N ARG A 184 19.20 -4.11 -13.05
CA ARG A 184 19.43 -4.39 -11.64
C ARG A 184 19.17 -5.87 -11.42
N ARG A 185 20.11 -6.55 -10.78
CA ARG A 185 19.97 -7.98 -10.53
C ARG A 185 19.90 -8.32 -9.06
N TYR A 186 19.05 -9.28 -8.70
CA TYR A 186 18.88 -9.70 -7.32
C TYR A 186 18.83 -11.21 -7.17
N ILE A 187 19.27 -11.69 -6.01
CA ILE A 187 19.24 -13.11 -5.68
C ILE A 187 18.36 -13.21 -4.46
N VAL A 188 17.28 -13.98 -4.53
CA VAL A 188 16.34 -14.10 -3.44
C VAL A 188 16.45 -15.51 -2.86
N ALA A 189 16.83 -15.60 -1.59
CA ALA A 189 17.02 -16.89 -0.93
C ALA A 189 16.24 -16.95 0.37
N GLU A 190 16.51 -17.98 1.18
CA GLU A 190 15.83 -18.16 2.45
C GLU A 190 16.75 -18.91 3.39
N ALA A 191 16.90 -18.42 4.62
CA ALA A 191 17.88 -18.97 5.54
C ALA A 191 17.61 -20.43 5.87
N VAL A 192 16.48 -20.71 6.51
CA VAL A 192 16.05 -22.07 6.82
C VAL A 192 14.72 -22.27 6.13
N TYR A 193 14.69 -23.14 5.12
CA TYR A 193 13.50 -23.28 4.29
C TYR A 193 12.39 -23.94 5.06
N GLN A 194 11.18 -23.42 4.89
CA GLN A 194 10.00 -23.93 5.58
C GLN A 194 9.46 -25.22 4.99
N ASN A 195 9.58 -25.41 3.68
CA ASN A 195 9.01 -26.55 3.00
C ASN A 195 9.93 -27.75 2.97
N SER A 196 11.21 -27.59 3.34
CA SER A 196 12.14 -28.71 3.27
C SER A 196 12.99 -28.83 4.53
N GLY A 197 13.20 -27.71 5.22
CA GLY A 197 14.00 -27.74 6.43
C GLY A 197 15.50 -27.75 6.20
N GLN A 198 15.93 -27.35 5.00
CA GLN A 198 17.35 -27.26 4.66
C GLN A 198 17.86 -25.87 4.99
N ILE A 199 19.14 -25.79 5.34
CA ILE A 199 19.79 -24.51 5.64
C ILE A 199 20.60 -24.08 4.42
N ALA A 200 20.39 -22.85 3.97
CA ALA A 200 21.07 -22.37 2.77
C ALA A 200 22.55 -22.20 3.05
N PRO A 201 23.42 -22.56 2.10
CA PRO A 201 24.86 -22.26 2.27
C PRO A 201 25.18 -20.83 1.88
N LEU A 202 25.46 -20.00 2.89
CA LEU A 202 25.77 -18.60 2.64
C LEU A 202 27.26 -18.37 2.48
N ASP A 203 27.95 -19.37 1.96
CA ASP A 203 29.38 -19.26 1.73
C ASP A 203 29.65 -19.11 0.24
N GLU A 204 28.90 -19.84 -0.56
CA GLU A 204 29.04 -19.77 -2.01
C GLU A 204 28.10 -18.72 -2.58
N ILE A 205 26.99 -18.47 -1.90
CA ILE A 205 26.03 -17.49 -2.37
C ILE A 205 26.58 -16.07 -2.28
N VAL A 206 27.43 -15.82 -1.28
CA VAL A 206 28.03 -14.51 -1.09
C VAL A 206 29.40 -14.44 -1.73
N LYS A 207 29.76 -15.48 -2.47
CA LYS A 207 31.04 -15.53 -3.16
C LYS A 207 30.80 -15.55 -4.65
N LEU A 208 29.61 -16.00 -5.05
CA LEU A 208 29.23 -16.05 -6.45
C LEU A 208 28.55 -14.74 -6.82
N LYS A 209 28.02 -14.05 -5.82
CA LYS A 209 27.33 -12.78 -6.03
C LYS A 209 28.32 -11.62 -6.01
N GLU A 210 29.55 -11.91 -5.58
CA GLU A 210 30.60 -10.90 -5.51
C GLU A 210 31.53 -10.99 -6.71
N LYS A 211 31.04 -11.58 -7.79
CA LYS A 211 31.81 -11.74 -9.00
C LYS A 211 30.96 -11.37 -10.20
N TYR A 212 29.65 -11.44 -10.01
CA TYR A 212 28.69 -11.09 -11.05
C TYR A 212 27.91 -9.83 -10.71
N ARG A 213 28.22 -9.22 -9.57
CA ARG A 213 27.56 -7.97 -9.18
C ARG A 213 26.05 -8.06 -9.00
N PHE A 214 25.62 -9.02 -8.18
CA PHE A 214 24.22 -9.24 -7.86
C PHE A 214 23.93 -8.64 -6.48
N ARG A 215 22.68 -8.79 -6.03
CA ARG A 215 22.29 -8.31 -4.71
C ARG A 215 21.46 -9.40 -4.03
N VAL A 216 21.65 -9.57 -2.74
CA VAL A 216 21.04 -10.67 -2.00
C VAL A 216 19.90 -10.13 -1.14
N ILE A 217 18.82 -10.91 -1.04
CA ILE A 217 17.72 -10.62 -0.14
C ILE A 217 17.42 -11.87 0.67
N LEU A 218 17.85 -11.89 1.93
CA LEU A 218 17.66 -13.05 2.77
C LEU A 218 16.41 -12.93 3.63
N ASP A 219 15.59 -13.97 3.62
CA ASP A 219 14.37 -14.01 4.41
C ASP A 219 14.63 -14.96 5.56
N GLU A 220 15.24 -14.45 6.62
CA GLU A 220 15.58 -15.30 7.75
C GLU A 220 14.69 -15.17 8.97
N SER A 221 13.52 -15.79 8.93
CA SER A 221 12.61 -15.75 10.06
C SER A 221 12.73 -17.02 10.88
N ASN A 222 13.26 -18.07 10.26
CA ASN A 222 13.44 -19.35 10.92
C ASN A 222 14.84 -19.54 11.47
N SER A 223 15.65 -18.50 11.39
CA SER A 223 17.02 -18.56 11.87
C SER A 223 17.34 -17.46 12.88
N PHE A 224 16.70 -16.31 12.72
CA PHE A 224 16.95 -15.19 13.62
C PHE A 224 16.62 -15.56 15.06
N GLY A 225 17.66 -15.75 15.87
CA GLY A 225 17.49 -16.09 17.26
C GLY A 225 17.70 -17.55 17.58
N VAL A 226 18.10 -18.35 16.60
CA VAL A 226 18.32 -19.78 16.83
C VAL A 226 19.54 -20.37 16.14
N LEU A 227 19.82 -19.93 14.92
CA LEU A 227 20.91 -20.49 14.12
C LEU A 227 22.33 -20.19 14.57
N GLY A 228 22.60 -18.97 15.01
CA GLY A 228 23.95 -18.61 15.43
C GLY A 228 24.41 -19.16 16.76
N ARG A 229 25.66 -18.89 17.10
CA ARG A 229 26.23 -19.35 18.38
C ARG A 229 25.78 -18.43 19.50
N SER A 230 25.44 -17.20 19.13
CA SER A 230 24.97 -16.20 20.07
C SER A 230 23.50 -15.88 19.80
N GLY A 231 22.98 -16.35 18.68
CA GLY A 231 21.61 -16.12 18.31
C GLY A 231 21.44 -15.01 17.29
N ARG A 232 22.51 -14.67 16.59
CA ARG A 232 22.46 -13.60 15.61
C ARG A 232 21.78 -14.02 14.31
N GLY A 233 21.92 -15.28 13.93
CA GLY A 233 21.30 -15.76 12.71
C GLY A 233 22.21 -16.57 11.82
N LEU A 234 21.90 -16.62 10.54
CA LEU A 234 22.69 -17.37 9.57
C LEU A 234 24.08 -16.79 9.37
N ALA A 235 24.18 -15.46 9.40
CA ALA A 235 25.46 -14.79 9.23
C ALA A 235 26.50 -15.30 10.22
N GLU A 236 26.12 -15.40 11.49
CA GLU A 236 27.02 -15.89 12.51
C GLU A 236 27.41 -17.35 12.28
N HIS A 237 26.44 -18.13 11.81
CA HIS A 237 26.64 -19.55 11.54
C HIS A 237 27.75 -19.81 10.54
N HIS A 238 27.68 -19.15 9.39
CA HIS A 238 28.68 -19.32 8.33
C HIS A 238 29.84 -18.34 8.42
N SER A 239 29.87 -17.57 9.50
CA SER A 239 30.92 -16.58 9.74
C SER A 239 31.21 -15.62 8.59
N VAL A 240 30.21 -14.81 8.25
CA VAL A 240 30.35 -13.82 7.18
C VAL A 240 29.80 -12.48 7.66
N PRO A 241 30.44 -11.36 7.28
CA PRO A 241 29.95 -10.06 7.74
C PRO A 241 28.49 -9.85 7.34
N ILE A 242 27.73 -9.25 8.23
CA ILE A 242 26.32 -9.01 7.95
C ILE A 242 26.15 -7.75 7.11
N GLU A 243 27.20 -7.38 6.40
CA GLU A 243 27.16 -6.19 5.55
C GLU A 243 27.10 -6.59 4.09
N LYS A 244 27.43 -7.85 3.82
CA LYS A 244 27.41 -8.38 2.46
C LYS A 244 25.98 -8.65 2.01
N ILE A 245 25.10 -8.90 2.96
CA ILE A 245 23.69 -9.14 2.67
C ILE A 245 23.00 -7.79 2.60
N ASP A 246 22.55 -7.40 1.42
CA ASP A 246 21.91 -6.12 1.22
C ASP A 246 20.59 -5.89 1.95
N VAL A 247 19.78 -6.94 2.08
CA VAL A 247 18.48 -6.80 2.74
C VAL A 247 18.24 -8.04 3.58
N VAL A 248 17.78 -7.84 4.81
CA VAL A 248 17.50 -8.95 5.73
C VAL A 248 16.13 -8.76 6.36
N THR A 249 15.17 -9.59 5.97
CA THR A 249 13.83 -9.52 6.53
C THR A 249 13.59 -10.70 7.47
N ALA A 250 12.66 -10.52 8.40
CA ALA A 250 12.31 -11.58 9.32
C ALA A 250 10.90 -11.32 9.85
N ALA A 251 10.30 -12.38 10.39
CA ALA A 251 9.01 -12.31 11.03
C ALA A 251 9.17 -12.66 12.51
N MET A 252 8.53 -11.87 13.37
CA MET A 252 8.65 -12.05 14.80
C MET A 252 7.63 -13.01 15.41
N GLY A 253 6.95 -13.76 14.57
CA GLY A 253 5.98 -14.72 15.05
C GLY A 253 6.56 -16.12 15.07
N HIS A 254 7.78 -16.24 15.57
CA HIS A 254 8.47 -17.52 15.63
C HIS A 254 9.18 -17.68 16.96
N ALA A 255 10.36 -17.07 17.09
CA ALA A 255 11.12 -17.19 18.33
C ALA A 255 11.06 -15.92 19.16
N LEU A 256 9.96 -15.18 19.05
CA LEU A 256 9.80 -13.94 19.80
C LEU A 256 8.43 -13.87 20.45
N ALA A 257 7.59 -14.86 20.16
CA ALA A 257 6.24 -14.95 20.73
C ALA A 257 5.38 -13.69 20.58
N THR A 258 5.51 -13.01 19.46
CA THR A 258 4.73 -11.82 19.17
C THR A 258 4.27 -11.85 17.72
N GLU A 259 3.87 -10.70 17.21
CA GLU A 259 3.44 -10.61 15.84
C GLU A 259 4.17 -9.46 15.18
N GLY A 260 4.25 -9.50 13.86
CA GLY A 260 4.90 -8.45 13.11
C GLY A 260 6.10 -8.94 12.35
N GLY A 261 6.82 -7.98 11.77
CA GLY A 261 8.02 -8.28 11.04
C GLY A 261 8.91 -7.06 11.02
N PHE A 262 10.09 -7.23 10.45
CA PHE A 262 11.01 -6.10 10.30
C PHE A 262 11.88 -6.32 9.07
N CYS A 263 12.64 -5.29 8.72
CA CYS A 263 13.53 -5.33 7.56
C CYS A 263 14.75 -4.50 7.92
N THR A 264 15.90 -5.18 8.04
CA THR A 264 17.11 -4.53 8.52
C THR A 264 18.02 -4.24 7.32
N GLY A 265 18.93 -3.31 7.49
CA GLY A 265 19.85 -2.99 6.42
C GLY A 265 20.38 -1.57 6.55
N ASN A 266 21.15 -1.12 5.56
CA ASN A 266 21.74 0.21 5.59
C ASN A 266 20.68 1.30 5.66
N ALA A 267 21.13 2.54 5.87
CA ALA A 267 20.21 3.69 6.01
C ALA A 267 19.64 4.24 4.71
N ARG A 268 20.35 4.06 3.60
CA ARG A 268 19.87 4.56 2.33
C ARG A 268 18.80 3.67 1.72
N ILE A 269 18.75 2.42 2.17
CA ILE A 269 17.78 1.45 1.67
C ILE A 269 16.58 1.33 2.59
N ILE A 270 16.77 1.72 3.86
CA ILE A 270 15.69 1.64 4.83
C ILE A 270 14.74 2.82 4.79
N ASP A 271 15.28 4.01 4.55
CA ASP A 271 14.47 5.21 4.50
C ASP A 271 13.74 5.38 3.17
N TYR A 272 14.18 4.65 2.16
CA TYR A 272 13.57 4.71 0.84
C TYR A 272 12.32 3.84 0.80
N GLN A 273 12.25 2.88 1.72
CA GLN A 273 11.11 1.98 1.79
C GLN A 273 10.03 2.57 2.68
N ARG A 274 10.38 3.63 3.41
CA ARG A 274 9.43 4.30 4.30
C ARG A 274 8.44 5.16 3.53
N LEU A 275 8.94 5.89 2.53
CA LEU A 275 8.08 6.78 1.77
C LEU A 275 7.59 6.21 0.45
N SER A 276 7.76 4.91 0.23
CA SER A 276 7.32 4.31 -1.02
C SER A 276 7.01 2.82 -0.95
N SER A 277 6.44 2.36 0.15
CA SER A 277 6.12 0.94 0.26
C SER A 277 4.69 0.68 -0.16
N SER A 278 4.02 -0.25 0.52
CA SER A 278 2.64 -0.58 0.19
C SER A 278 1.88 -1.08 1.40
N GLY A 279 2.54 -1.88 2.22
CA GLY A 279 1.93 -2.39 3.43
C GLY A 279 2.40 -1.62 4.65
N TYR A 280 3.11 -0.53 4.42
CA TYR A 280 3.61 0.31 5.49
C TYR A 280 2.91 1.66 5.46
N VAL A 281 2.60 2.14 4.27
CA VAL A 281 1.94 3.43 4.10
C VAL A 281 0.45 3.31 3.79
N PHE A 282 -0.08 2.09 3.84
CA PHE A 282 -1.49 1.88 3.54
C PHE A 282 -2.10 0.86 4.50
N SER A 283 -1.57 0.79 5.72
CA SER A 283 -2.09 -0.17 6.69
C SER A 283 -1.86 0.28 8.11
N ALA A 284 -2.71 -0.18 9.02
CA ALA A 284 -2.59 0.14 10.43
C ALA A 284 -1.28 -0.44 10.96
N SER A 285 -0.63 0.30 11.83
CA SER A 285 0.64 -0.13 12.39
C SER A 285 0.41 -1.20 13.46
N LEU A 286 1.50 -1.67 14.07
CA LEU A 286 1.39 -2.67 15.12
C LEU A 286 0.71 -2.09 16.34
N PRO A 287 -0.14 -2.86 17.03
CA PRO A 287 -0.60 -2.47 18.35
C PRO A 287 0.58 -2.28 19.30
N PRO A 288 0.55 -1.26 20.13
CA PRO A 288 1.71 -0.97 21.00
C PRO A 288 2.10 -2.10 21.94
N TYR A 289 1.13 -2.89 22.40
CA TYR A 289 1.46 -3.98 23.32
C TYR A 289 2.19 -5.12 22.63
N LEU A 290 2.03 -5.28 21.32
CA LEU A 290 2.78 -6.30 20.60
C LEU A 290 4.22 -5.87 20.31
N ALA A 291 4.45 -4.58 20.11
CA ALA A 291 5.80 -4.06 19.91
C ALA A 291 6.51 -3.76 21.22
N SER A 292 5.79 -3.75 22.33
CA SER A 292 6.40 -3.59 23.65
C SER A 292 6.77 -4.93 24.28
N ALA A 293 6.44 -6.04 23.63
CA ALA A 293 6.86 -7.35 24.08
C ALA A 293 8.06 -7.89 23.33
N ALA A 294 8.24 -7.48 22.07
CA ALA A 294 9.45 -7.85 21.35
C ALA A 294 10.69 -7.24 21.96
N ILE A 295 10.59 -6.01 22.49
CA ILE A 295 11.72 -5.39 23.17
C ILE A 295 12.13 -6.21 24.38
N THR A 296 11.16 -6.67 25.18
CA THR A 296 11.45 -7.55 26.30
C THR A 296 12.00 -8.91 25.88
N ALA A 297 11.45 -9.50 24.82
CA ALA A 297 11.93 -10.79 24.35
C ALA A 297 13.34 -10.75 23.80
N ILE A 298 13.75 -9.63 23.20
CA ILE A 298 15.12 -9.52 22.72
C ILE A 298 16.12 -9.44 23.87
N ASP A 299 15.78 -8.76 24.96
CA ASP A 299 16.64 -8.72 26.13
C ASP A 299 16.82 -10.08 26.79
N VAL A 300 15.76 -10.89 26.83
CA VAL A 300 15.88 -12.24 27.36
C VAL A 300 16.83 -13.09 26.54
N ILE A 301 16.78 -12.99 25.20
CA ILE A 301 17.71 -13.71 24.34
C ILE A 301 19.15 -13.30 24.58
N ASP A 302 19.42 -12.01 24.81
CA ASP A 302 20.76 -11.53 25.11
C ASP A 302 21.26 -11.99 26.47
N GLN A 303 20.42 -11.90 27.50
CA GLN A 303 20.90 -12.19 28.85
C GLN A 303 21.07 -13.68 29.07
N ASN A 304 20.48 -14.52 28.22
CA ASN A 304 20.49 -15.96 28.39
C ASN A 304 20.92 -16.66 27.11
N PRO A 305 22.22 -16.90 26.92
CA PRO A 305 22.67 -17.57 25.69
C PRO A 305 22.78 -19.09 25.83
N ASP A 306 22.22 -19.67 26.90
CA ASP A 306 22.26 -21.11 27.08
C ASP A 306 21.03 -21.83 26.56
N MET A 307 19.88 -21.15 26.53
CA MET A 307 18.68 -21.73 25.93
C MET A 307 18.80 -21.90 24.43
N LEU A 308 19.92 -21.50 23.84
CA LEU A 308 20.24 -21.84 22.46
C LEU A 308 20.98 -23.15 22.32
N VAL A 309 21.95 -23.37 23.20
CA VAL A 309 22.71 -24.62 23.20
C VAL A 309 21.82 -25.76 23.67
N LYS A 310 20.68 -25.42 24.26
CA LYS A 310 19.73 -26.42 24.76
C LYS A 310 18.67 -26.74 23.72
N LEU A 311 18.79 -26.11 22.54
CA LEU A 311 17.87 -26.35 21.46
C LEU A 311 18.52 -27.32 20.50
N LYS A 312 19.84 -27.26 20.43
CA LYS A 312 20.59 -28.16 19.56
C LYS A 312 20.56 -29.57 20.13
N GLN A 313 20.57 -29.65 21.47
CA GLN A 313 20.54 -30.93 22.15
C GLN A 313 19.19 -31.62 21.93
N ASN A 314 18.13 -30.83 21.87
CA ASN A 314 16.79 -31.38 21.67
C ASN A 314 16.59 -31.91 20.26
N VAL A 315 17.14 -31.21 19.27
CA VAL A 315 17.00 -31.64 17.88
C VAL A 315 17.92 -32.81 17.56
N ALA A 316 18.99 -32.94 18.34
CA ALA A 316 19.94 -34.04 18.14
C ALA A 316 19.51 -35.26 18.93
N LEU A 317 18.51 -35.09 19.80
CA LEU A 317 17.99 -36.19 20.60
C LEU A 317 16.75 -36.77 19.96
N LEU A 318 16.15 -36.00 19.05
CA LEU A 318 14.97 -36.44 18.33
C LEU A 318 15.35 -36.90 16.92
N TRP A 319 16.62 -36.77 16.58
CA TRP A 319 17.16 -37.15 15.29
C TRP A 319 17.74 -38.55 15.43
N LYS A 320 18.19 -38.87 16.62
CA LYS A 320 18.79 -40.17 16.90
C LYS A 320 17.73 -41.22 17.23
N GLY A 321 16.51 -40.76 17.47
CA GLY A 321 15.41 -41.66 17.78
C GLY A 321 14.61 -42.02 16.55
N LEU A 322 14.66 -41.16 15.55
CA LEU A 322 13.95 -41.36 14.30
C LEU A 322 14.87 -41.92 13.22
N SER A 323 15.96 -42.56 13.64
CA SER A 323 16.91 -43.12 12.70
C SER A 323 16.54 -44.56 12.35
N ASP A 324 15.43 -45.03 12.90
CA ASP A 324 14.95 -46.38 12.63
C ASP A 324 13.72 -46.43 11.73
N ILE A 325 13.05 -45.30 11.52
CA ILE A 325 11.78 -45.25 10.81
C ILE A 325 11.88 -45.94 9.46
N LYS A 326 10.83 -46.68 9.08
CA LYS A 326 10.85 -47.45 7.84
C LYS A 326 10.19 -46.71 6.70
N GLY A 327 8.92 -46.34 6.87
CA GLY A 327 8.14 -45.75 5.80
C GLY A 327 8.68 -44.45 5.26
N MET A 328 9.14 -43.58 6.15
CA MET A 328 9.64 -42.28 5.73
C MET A 328 11.15 -42.18 5.86
N SER A 329 11.69 -40.98 5.68
CA SER A 329 13.13 -40.76 5.77
C SER A 329 13.40 -39.30 6.04
N LEU A 330 14.24 -39.01 7.03
CA LEU A 330 14.57 -37.63 7.38
C LEU A 330 15.24 -36.90 6.22
N THR A 331 14.52 -35.98 5.61
CA THR A 331 15.03 -35.23 4.48
C THR A 331 15.42 -33.80 4.84
N SER A 332 15.51 -33.50 6.13
CA SER A 332 15.86 -32.16 6.57
C SER A 332 17.35 -32.04 6.79
N ASN A 333 17.76 -31.05 7.58
CA ASN A 333 19.17 -30.83 7.86
C ASN A 333 19.61 -31.63 9.07
N ARG A 334 20.18 -30.95 10.05
CA ARG A 334 20.64 -31.62 11.26
C ARG A 334 20.76 -30.64 12.41
N GLU A 335 20.85 -29.35 12.07
CA GLU A 335 20.96 -28.31 13.06
C GLU A 335 19.73 -27.41 13.05
N SER A 336 18.90 -27.59 12.03
CA SER A 336 17.67 -26.81 11.90
C SER A 336 16.61 -27.45 12.77
N PRO A 337 15.73 -26.63 13.37
CA PRO A 337 14.68 -27.12 14.26
C PRO A 337 13.37 -27.47 13.56
N ILE A 338 13.42 -27.92 12.31
CA ILE A 338 12.22 -28.29 11.59
C ILE A 338 12.35 -29.70 11.02
N VAL A 339 12.40 -30.70 11.89
CA VAL A 339 12.55 -32.08 11.46
C VAL A 339 11.53 -32.51 10.41
N PHE A 340 11.95 -32.56 9.14
CA PHE A 340 11.08 -32.97 8.06
C PHE A 340 11.16 -34.49 7.85
N LEU A 341 10.09 -35.05 7.30
CA LEU A 341 10.03 -36.48 7.06
C LEU A 341 9.24 -36.80 5.81
N LYS A 342 9.88 -36.71 4.64
CA LYS A 342 9.19 -37.02 3.40
C LYS A 342 8.95 -38.52 3.36
N LEU A 343 7.82 -38.93 2.79
CA LEU A 343 7.48 -40.34 2.71
C LEU A 343 8.16 -41.05 1.54
N GLU A 344 9.05 -41.98 1.87
CA GLU A 344 9.76 -42.75 0.85
C GLU A 344 8.77 -43.59 0.07
N LYS A 345 8.96 -43.65 -1.25
CA LYS A 345 8.12 -44.39 -2.19
C LYS A 345 6.65 -43.93 -2.23
N SER A 346 6.37 -42.96 -3.10
CA SER A 346 5.03 -42.41 -3.25
C SER A 346 3.99 -43.50 -3.49
N SER A 347 3.03 -43.60 -2.57
CA SER A 347 1.98 -44.60 -2.66
C SER A 347 1.04 -44.38 -3.85
N GLY A 348 0.26 -43.31 -3.79
CA GLY A 348 -0.68 -43.01 -4.85
C GLY A 348 -0.34 -41.81 -5.70
N SER A 349 -1.29 -40.89 -5.83
CA SER A 349 -1.12 -39.69 -6.64
C SER A 349 -0.89 -38.44 -5.80
N ALA A 350 -0.79 -37.30 -6.46
CA ALA A 350 -0.55 -36.03 -5.79
C ALA A 350 -1.61 -35.75 -4.72
N LYS A 351 -2.87 -35.97 -5.07
CA LYS A 351 -3.96 -35.74 -4.14
C LYS A 351 -4.21 -36.98 -3.29
N ASP A 352 -3.50 -38.06 -3.59
CA ASP A 352 -3.65 -39.30 -2.85
C ASP A 352 -2.57 -39.42 -1.80
N ASP A 353 -1.51 -38.64 -1.94
CA ASP A 353 -0.42 -38.66 -0.99
C ASP A 353 -0.65 -37.62 0.09
N LEU A 354 -1.50 -36.64 -0.23
CA LEU A 354 -1.83 -35.58 0.72
C LEU A 354 -3.01 -35.97 1.59
N LEU A 355 -3.65 -37.09 1.25
CA LEU A 355 -4.78 -37.58 2.00
C LEU A 355 -4.32 -38.66 2.97
N LEU A 356 -3.25 -39.34 2.60
CA LEU A 356 -2.68 -40.39 3.44
C LEU A 356 -1.81 -39.78 4.52
N LEU A 357 -1.34 -38.57 4.28
CA LEU A 357 -0.49 -37.87 5.24
C LEU A 357 -1.33 -37.16 6.28
N GLU A 358 -2.49 -36.67 5.88
CA GLU A 358 -3.39 -35.96 6.78
C GLU A 358 -4.21 -36.90 7.66
N LYS A 359 -4.23 -38.19 7.30
CA LYS A 359 -4.96 -39.18 8.08
C LYS A 359 -4.02 -39.78 9.12
N MET A 360 -2.72 -39.68 8.86
CA MET A 360 -1.72 -40.21 9.78
C MET A 360 -1.39 -39.17 10.84
N ALA A 361 -1.73 -37.92 10.57
CA ALA A 361 -1.49 -36.84 11.52
C ALA A 361 -2.69 -36.64 12.42
N ASP A 362 -3.81 -37.25 12.05
CA ASP A 362 -5.04 -37.15 12.82
C ASP A 362 -5.11 -38.29 13.82
N ARG A 363 -4.56 -39.44 13.44
CA ARG A 363 -4.56 -40.60 14.30
C ARG A 363 -3.52 -40.47 15.40
N ALA A 364 -2.48 -39.69 15.13
CA ALA A 364 -1.41 -39.48 16.10
C ALA A 364 -1.89 -38.69 17.31
N LEU A 365 -2.83 -37.78 17.09
CA LEU A 365 -3.36 -36.96 18.18
C LEU A 365 -4.59 -37.57 18.83
N LYS A 366 -5.30 -38.41 18.08
CA LYS A 366 -6.51 -39.03 18.60
C LYS A 366 -6.26 -40.38 19.27
N GLU A 367 -4.99 -40.75 19.41
CA GLU A 367 -4.65 -42.01 20.04
C GLU A 367 -3.69 -41.80 21.20
N ASP A 368 -2.59 -41.10 20.94
CA ASP A 368 -1.58 -40.85 21.96
C ASP A 368 -1.15 -39.40 22.05
N SER A 369 -2.08 -38.46 21.83
CA SER A 369 -1.90 -37.06 22.23
C SER A 369 -0.66 -36.41 21.62
N LEU A 370 -0.65 -36.21 20.31
CA LEU A 370 0.48 -35.59 19.65
C LEU A 370 -0.01 -34.64 18.57
N LEU A 371 0.38 -33.37 18.66
CA LEU A 371 0.09 -32.39 17.61
C LEU A 371 1.29 -32.35 16.68
N VAL A 372 1.10 -32.74 15.43
CA VAL A 372 2.12 -32.59 14.40
C VAL A 372 1.49 -31.88 13.21
N VAL A 373 2.33 -31.28 12.38
CA VAL A 373 1.89 -30.50 11.23
C VAL A 373 2.26 -31.25 9.96
N SER A 374 1.34 -31.29 9.00
CA SER A 374 1.57 -31.90 7.71
C SER A 374 1.42 -30.84 6.61
N SER A 375 2.02 -31.13 5.45
CA SER A 375 1.97 -30.19 4.34
C SER A 375 0.54 -29.91 3.92
N LYS A 376 0.25 -28.64 3.67
CA LYS A 376 -1.06 -28.20 3.20
C LYS A 376 -0.80 -27.22 2.06
N ARG A 377 -1.04 -27.66 0.83
CA ARG A 377 -0.81 -26.83 -0.33
C ARG A 377 -2.12 -26.39 -0.96
N SER A 378 -2.17 -25.13 -1.37
CA SER A 378 -3.36 -24.61 -2.03
C SER A 378 -3.16 -24.72 -3.53
N PHE A 379 -4.05 -24.13 -4.32
CA PHE A 379 -3.90 -24.19 -5.76
C PHE A 379 -3.20 -22.94 -6.29
N LEU A 380 -2.79 -22.09 -5.36
CA LEU A 380 -2.09 -20.87 -5.68
C LEU A 380 -0.60 -21.10 -5.50
N ASP A 381 -0.25 -22.04 -4.63
CA ASP A 381 1.14 -22.38 -4.36
C ASP A 381 1.75 -23.08 -5.55
N LYS A 382 2.94 -22.64 -5.95
CA LYS A 382 3.62 -23.23 -7.09
C LYS A 382 4.86 -24.01 -6.68
N CYS A 383 4.84 -24.58 -5.48
CA CYS A 383 5.97 -25.35 -4.98
C CYS A 383 5.80 -26.80 -5.38
N ARG A 384 6.89 -27.45 -5.79
CA ARG A 384 6.84 -28.84 -6.21
C ARG A 384 7.66 -29.77 -5.34
N LEU A 385 8.16 -29.27 -4.21
CA LEU A 385 8.95 -30.08 -3.29
C LEU A 385 8.09 -31.18 -2.68
N PRO A 386 8.70 -32.35 -2.39
CA PRO A 386 8.03 -33.51 -1.80
C PRO A 386 7.25 -33.17 -0.53
N VAL A 387 6.08 -33.76 -0.35
CA VAL A 387 5.28 -33.50 0.84
C VAL A 387 5.71 -34.38 2.00
N GLY A 388 5.30 -34.01 3.22
CA GLY A 388 5.67 -34.76 4.40
C GLY A 388 5.07 -34.10 5.63
N ILE A 389 5.47 -34.61 6.80
CA ILE A 389 5.05 -34.05 8.07
C ILE A 389 6.26 -33.41 8.73
N LYS A 390 6.03 -32.34 9.49
CA LYS A 390 7.08 -31.60 10.17
C LYS A 390 6.85 -31.62 11.67
N LEU A 391 7.93 -31.42 12.40
CA LEU A 391 7.88 -31.28 13.85
C LEU A 391 8.70 -30.07 14.26
N TYR A 392 8.04 -29.05 14.79
CA TYR A 392 8.73 -27.86 15.28
C TYR A 392 9.15 -28.12 16.73
N VAL A 393 10.36 -28.64 16.88
CA VAL A 393 10.89 -28.88 18.22
C VAL A 393 11.20 -27.54 18.88
N SER A 394 11.17 -27.53 20.20
CA SER A 394 11.39 -26.34 20.99
C SER A 394 12.52 -26.56 21.98
N ALA A 395 12.88 -25.50 22.69
CA ALA A 395 13.91 -25.55 23.71
C ALA A 395 13.31 -25.80 25.08
N GLY A 396 11.98 -25.92 25.12
CA GLY A 396 11.27 -26.15 26.36
C GLY A 396 10.77 -27.58 26.47
N HIS A 397 11.00 -28.36 25.44
CA HIS A 397 10.58 -29.75 25.43
C HIS A 397 11.44 -30.52 26.41
N SER A 398 10.86 -31.53 27.06
CA SER A 398 11.60 -32.33 28.02
C SER A 398 12.27 -33.53 27.35
N GLU A 399 12.75 -34.46 28.16
CA GLU A 399 13.40 -35.64 27.61
C GLU A 399 12.41 -36.77 27.43
N SER A 400 11.32 -36.71 28.20
CA SER A 400 10.29 -37.74 28.14
C SER A 400 9.30 -37.50 27.01
N ASP A 401 9.02 -36.23 26.72
CA ASP A 401 8.09 -35.88 25.65
C ASP A 401 8.81 -35.80 24.32
N LEU A 402 10.14 -35.80 24.37
CA LEU A 402 10.96 -35.75 23.16
C LEU A 402 11.19 -37.16 22.63
N LEU A 403 11.01 -38.14 23.52
CA LEU A 403 11.18 -39.54 23.14
C LEU A 403 9.82 -40.21 22.96
N LYS A 404 8.76 -39.51 23.34
CA LYS A 404 7.41 -40.01 23.21
C LYS A 404 6.79 -39.60 21.87
N ALA A 405 7.55 -38.84 21.09
CA ALA A 405 7.12 -38.37 19.78
C ALA A 405 7.80 -39.17 18.67
N SER A 406 8.84 -39.90 19.04
CA SER A 406 9.59 -40.71 18.09
C SER A 406 9.09 -42.14 18.14
N GLU A 407 8.52 -42.52 19.28
CA GLU A 407 8.01 -43.86 19.47
C GLU A 407 6.66 -44.04 18.78
N SER A 408 5.81 -43.03 18.86
CA SER A 408 4.49 -43.09 18.26
C SER A 408 4.49 -42.69 16.79
N LEU A 409 5.63 -42.23 16.29
CA LEU A 409 5.74 -41.83 14.89
C LEU A 409 6.40 -42.96 14.11
N LYS A 410 7.15 -43.79 14.81
CA LYS A 410 7.84 -44.92 14.19
C LYS A 410 6.92 -46.11 14.09
N ARG A 411 5.98 -46.20 15.01
CA ARG A 411 5.01 -47.30 15.04
C ARG A 411 3.75 -46.97 14.25
N LEU A 412 3.61 -45.73 13.82
CA LEU A 412 2.44 -45.32 13.07
C LEU A 412 2.68 -45.36 11.58
N ALA A 413 3.95 -45.33 11.19
CA ALA A 413 4.32 -45.37 9.77
C ALA A 413 4.52 -46.82 9.34
N SER A 414 5.01 -47.63 10.27
CA SER A 414 5.25 -49.04 10.00
C SER A 414 3.95 -49.77 9.69
N GLU A 415 2.91 -49.45 10.45
CA GLU A 415 1.61 -50.08 10.27
C GLU A 415 0.68 -49.27 9.37
N LEU A 416 1.23 -48.72 8.29
CA LEU A 416 0.43 -47.94 7.36
C LEU A 416 1.13 -47.84 6.00
N LEU A 417 2.22 -47.08 5.97
CA LEU A 417 2.98 -46.89 4.74
C LEU A 417 3.44 -48.20 4.13
N LEU A 418 4.27 -48.93 4.86
CA LEU A 418 4.79 -50.22 4.39
C LEU A 418 3.67 -51.15 3.94
N MET B 1 -18.33 16.51 -9.98
CA MET B 1 -18.61 16.05 -8.63
C MET B 1 -17.99 16.97 -7.58
N ILE B 2 -16.96 17.70 -8.00
CA ILE B 2 -16.28 18.63 -7.10
C ILE B 2 -16.17 20.03 -7.71
N THR B 3 -17.07 20.92 -7.32
CA THR B 3 -17.06 22.28 -7.85
C THR B 3 -15.75 22.99 -7.51
N ILE B 4 -15.01 23.39 -8.54
CA ILE B 4 -13.73 24.07 -8.36
C ILE B 4 -13.79 25.52 -8.83
N PRO B 5 -13.50 26.47 -7.92
CA PRO B 5 -13.50 27.88 -8.33
C PRO B 5 -12.49 28.07 -9.45
N TYR B 6 -12.96 28.48 -10.62
CA TYR B 6 -12.08 28.64 -11.78
C TYR B 6 -10.79 29.41 -11.55
N LEU B 7 -10.87 30.53 -10.82
CA LEU B 7 -9.68 31.34 -10.56
C LEU B 7 -8.67 30.70 -9.63
N THR B 8 -9.13 29.78 -8.79
CA THR B 8 -8.24 29.09 -7.86
C THR B 8 -7.66 27.83 -8.51
N ALA B 9 -8.19 27.48 -9.68
CA ALA B 9 -7.70 26.32 -10.41
C ALA B 9 -6.68 26.74 -11.45
N VAL B 10 -6.34 28.02 -11.49
CA VAL B 10 -5.36 28.55 -12.43
C VAL B 10 -4.10 28.90 -11.65
N SER B 11 -4.24 29.17 -10.37
CA SER B 11 -3.13 29.50 -9.50
C SER B 11 -2.55 28.25 -8.85
N THR B 12 -3.19 27.11 -9.11
CA THR B 12 -2.76 25.84 -8.57
C THR B 12 -1.80 25.21 -9.56
N TYR B 13 -2.06 25.43 -10.85
CA TYR B 13 -1.22 24.90 -11.91
C TYR B 13 0.03 25.75 -12.03
N PHE B 14 -0.08 27.01 -11.65
CA PHE B 14 1.05 27.92 -11.71
C PHE B 14 1.97 27.70 -10.53
N SER B 15 1.45 27.12 -9.46
CA SER B 15 2.25 26.85 -8.27
C SER B 15 2.95 25.50 -8.36
N TYR B 16 2.43 24.63 -9.21
CA TYR B 16 3.03 23.31 -9.41
C TYR B 16 4.08 23.40 -10.50
N GLY B 17 3.98 24.43 -11.34
CA GLY B 17 4.92 24.64 -12.41
C GLY B 17 6.15 25.33 -11.86
N LEU B 18 5.99 26.00 -10.74
CA LEU B 18 7.08 26.70 -10.08
C LEU B 18 7.87 25.71 -9.25
N LEU B 19 7.22 24.64 -8.81
CA LEU B 19 7.89 23.62 -8.02
C LEU B 19 8.52 22.58 -8.91
N PHE B 20 8.20 22.62 -10.19
CA PHE B 20 8.75 21.70 -11.17
C PHE B 20 9.91 22.34 -11.91
N ALA B 21 9.81 23.66 -12.10
CA ALA B 21 10.86 24.40 -12.80
C ALA B 21 12.02 24.66 -11.87
N PHE B 22 11.75 24.75 -10.58
CA PHE B 22 12.78 24.98 -9.58
C PHE B 22 13.33 23.66 -9.07
N GLY B 23 12.73 22.56 -9.49
CA GLY B 23 13.18 21.24 -9.09
C GLY B 23 14.04 20.62 -10.16
N GLN B 24 13.89 21.08 -11.38
CA GLN B 24 14.68 20.56 -12.49
C GLN B 24 15.93 21.39 -12.69
N LEU B 25 16.03 22.50 -11.98
CA LEU B 25 17.19 23.37 -12.08
C LEU B 25 18.21 22.98 -11.04
N ARG B 26 17.73 22.37 -9.96
CA ARG B 26 18.61 21.92 -8.88
C ARG B 26 19.07 20.50 -9.11
N ASP B 27 18.55 19.87 -10.16
CA ASP B 27 18.91 18.50 -10.50
C ASP B 27 20.00 18.50 -11.57
N PHE B 28 19.97 19.52 -12.43
CA PHE B 28 20.96 19.65 -13.48
C PHE B 28 22.20 20.35 -12.95
N PHE B 29 22.07 20.98 -11.79
CA PHE B 29 23.20 21.66 -11.15
C PHE B 29 23.71 20.78 -10.01
N ARG B 30 23.32 19.51 -10.01
CA ARG B 30 23.72 18.54 -9.01
C ARG B 30 24.28 17.30 -9.68
N ARG B 31 24.00 17.16 -10.97
CA ARG B 31 24.51 16.04 -11.76
C ARG B 31 25.96 16.33 -12.14
N PHE B 32 26.28 17.62 -12.21
CA PHE B 32 27.63 18.07 -12.55
C PHE B 32 28.48 18.19 -11.29
N ILE B 33 27.84 18.03 -10.14
CA ILE B 33 28.53 18.13 -8.86
C ILE B 33 28.96 16.76 -8.36
N ASP B 34 28.85 15.75 -9.22
CA ASP B 34 29.24 14.41 -8.84
C ASP B 34 30.59 14.05 -9.46
N TRP B 35 31.42 15.07 -9.64
CA TRP B 35 32.75 14.90 -10.20
C TRP B 35 33.80 15.33 -9.17
N TRP B 36 33.38 15.40 -7.91
CA TRP B 36 34.26 15.78 -6.82
C TRP B 36 33.86 15.08 -5.52
N LEU B 41 27.74 2.03 -6.10
CA LEU B 41 28.87 2.82 -5.64
C LEU B 41 30.18 2.04 -5.76
N GLN B 42 30.10 0.73 -5.60
CA GLN B 42 31.28 -0.13 -5.68
C GLN B 42 31.23 -1.02 -6.92
N GLY B 43 30.11 -1.01 -7.62
CA GLY B 43 29.94 -1.82 -8.81
C GLY B 43 28.50 -2.22 -9.04
N TYR B 44 27.63 -1.92 -8.07
CA TYR B 44 26.22 -2.25 -8.17
C TYR B 44 25.44 -1.13 -8.82
N ALA B 45 24.15 -1.35 -9.02
CA ALA B 45 23.28 -0.35 -9.64
C ALA B 45 22.51 0.42 -8.57
N PRO B 46 22.31 1.72 -8.79
CA PRO B 46 21.58 2.58 -7.85
C PRO B 46 20.21 1.98 -7.51
N ILE B 47 19.86 1.97 -6.24
CA ILE B 47 18.58 1.42 -5.81
C ILE B 47 17.41 2.22 -6.35
N CYS B 48 17.70 3.21 -7.20
CA CYS B 48 16.65 4.04 -7.79
C CYS B 48 17.29 5.10 -8.69
N LEU B 49 16.67 5.35 -9.84
CA LEU B 49 17.17 6.34 -10.75
C LEU B 49 16.85 7.73 -10.22
N GLY B 50 17.62 8.72 -10.64
CA GLY B 50 17.43 10.10 -10.20
C GLY B 50 16.08 10.67 -10.61
N HIS B 51 15.60 10.29 -11.78
CA HIS B 51 14.33 10.78 -12.31
C HIS B 51 13.12 9.97 -11.84
N GLU B 52 13.35 8.97 -11.01
CA GLU B 52 12.27 8.13 -10.50
C GLU B 52 11.52 8.82 -9.36
N ASP B 53 12.20 8.97 -8.22
CA ASP B 53 11.59 9.61 -7.06
C ASP B 53 11.85 11.10 -7.08
N PHE B 54 11.38 11.77 -8.14
CA PHE B 54 11.58 13.21 -8.27
C PHE B 54 10.66 14.00 -7.36
N TYR B 55 9.50 13.44 -7.04
CA TYR B 55 8.54 14.13 -6.19
C TYR B 55 8.65 13.72 -4.72
N ILE B 56 9.77 13.12 -4.35
CA ILE B 56 9.98 12.70 -2.97
C ILE B 56 11.11 13.51 -2.33
N ARG B 57 11.80 14.30 -3.15
CA ARG B 57 12.89 15.13 -2.65
C ARG B 57 12.70 16.58 -3.11
N ARG B 58 11.77 16.79 -4.03
CA ARG B 58 11.50 18.11 -4.55
C ARG B 58 10.08 18.59 -4.23
N LEU B 59 9.44 17.91 -3.29
CA LEU B 59 8.08 18.29 -2.90
C LEU B 59 7.71 17.78 -1.52
N TYR B 60 8.08 16.55 -1.21
CA TYR B 60 7.76 15.96 0.07
C TYR B 60 8.80 16.26 1.15
N HIS B 61 9.99 16.66 0.74
CA HIS B 61 11.04 16.98 1.71
C HIS B 61 10.96 18.41 2.19
N ARG B 62 10.10 19.20 1.57
CA ARG B 62 9.94 20.60 1.95
C ARG B 62 8.94 20.69 3.09
N ILE B 63 8.04 19.72 3.13
CA ILE B 63 7.00 19.67 4.16
C ILE B 63 6.95 18.28 4.78
N GLN B 64 8.02 17.89 5.45
CA GLN B 64 8.07 16.57 6.07
C GLN B 64 7.77 16.60 7.56
N ASP B 65 7.52 17.79 8.09
CA ASP B 65 7.22 17.92 9.51
C ASP B 65 5.70 17.91 9.73
N CYS B 66 4.95 17.60 8.68
CA CYS B 66 3.51 17.53 8.72
C CYS B 66 3.13 16.07 8.69
N PHE B 67 4.13 15.20 8.70
CA PHE B 67 3.88 13.77 8.63
C PHE B 67 4.69 13.05 9.70
N GLU B 68 4.23 11.85 10.04
CA GLU B 68 4.95 10.94 10.94
C GLU B 68 5.19 11.57 12.31
N ARG B 69 4.20 12.26 12.83
CA ARG B 69 4.34 12.89 14.13
C ARG B 69 4.26 11.84 15.22
N PRO B 70 5.28 11.67 16.04
CA PRO B 70 5.21 10.67 17.12
C PRO B 70 4.40 11.17 18.30
N ILE B 71 3.66 10.26 18.92
CA ILE B 71 2.87 10.57 20.10
C ILE B 71 3.23 9.58 21.20
N SER B 72 3.01 9.99 22.44
CA SER B 72 3.35 9.14 23.58
C SER B 72 2.18 8.95 24.52
N SER B 73 1.00 8.69 23.95
CA SER B 73 -0.20 8.51 24.75
C SER B 73 -1.21 7.73 23.94
N ALA B 74 -2.24 7.24 24.62
CA ALA B 74 -3.27 6.46 23.95
C ALA B 74 -4.03 7.34 22.96
N PRO B 75 -4.49 6.77 21.83
CA PRO B 75 -5.21 7.58 20.86
C PRO B 75 -6.58 7.98 21.36
N ASP B 76 -6.63 9.02 22.20
CA ASP B 76 -7.81 9.46 22.91
C ASP B 76 -8.27 10.79 22.30
N ALA B 77 -9.24 11.44 22.94
CA ALA B 77 -9.66 12.77 22.51
C ALA B 77 -8.52 13.77 22.60
N TRP B 78 -7.71 13.67 23.64
CA TRP B 78 -6.51 14.49 23.81
C TRP B 78 -5.30 13.59 23.95
N PHE B 79 -4.21 13.96 23.30
CA PHE B 79 -2.99 13.17 23.38
C PHE B 79 -1.76 14.08 23.38
N ASP B 80 -0.60 13.48 23.66
CA ASP B 80 0.66 14.21 23.72
C ASP B 80 1.41 14.05 22.41
N VAL B 81 1.95 15.15 21.89
CA VAL B 81 2.69 15.15 20.64
C VAL B 81 4.15 15.49 20.93
N VAL B 82 5.05 14.65 20.45
CA VAL B 82 6.48 14.84 20.67
C VAL B 82 7.05 15.85 19.70
N GLU B 83 7.82 16.80 20.22
CA GLU B 83 8.43 17.83 19.42
C GLU B 83 9.81 17.40 18.92
N ARG B 84 10.04 17.53 17.62
CA ARG B 84 11.32 17.12 17.03
C ARG B 84 12.12 18.33 16.54
N TYR B 85 13.41 18.10 16.28
CA TYR B 85 14.28 19.16 15.78
C TYR B 85 14.89 18.78 14.44
N SER B 86 15.51 19.74 13.76
CA SER B 86 16.10 19.49 12.45
C SER B 86 17.58 19.12 12.50
N ASN B 87 18.28 19.59 13.54
CA ASN B 87 19.69 19.31 13.73
C ASN B 87 20.58 19.64 12.52
N ASP B 88 20.90 18.62 11.72
CA ASP B 88 21.78 18.79 10.57
C ASP B 88 21.11 19.30 9.29
N ASN B 89 21.04 20.62 9.16
CA ASN B 89 20.48 21.28 7.98
C ASN B 89 19.16 20.70 7.45
N ASN B 90 18.20 20.48 8.34
CA ASN B 90 16.90 19.95 7.96
C ASN B 90 16.93 18.72 7.05
N LYS B 91 17.40 17.60 7.59
CA LYS B 91 17.48 16.36 6.83
C LYS B 91 17.01 15.13 7.62
N THR B 92 17.25 15.13 8.93
CA THR B 92 16.84 14.00 9.76
C THR B 92 16.22 14.57 11.03
N LEU B 93 14.89 14.58 11.09
CA LEU B 93 14.18 15.04 12.26
C LEU B 93 14.37 14.06 13.41
N LYS B 94 14.92 14.54 14.53
CA LYS B 94 15.13 13.73 15.72
C LYS B 94 14.27 14.24 16.85
N ARG B 95 13.75 13.31 17.66
CA ARG B 95 12.74 13.63 18.67
C ARG B 95 13.37 13.99 20.00
N THR B 96 12.66 14.82 20.77
CA THR B 96 13.09 15.28 22.07
C THR B 96 12.08 14.91 23.15
N THR B 97 12.26 15.45 24.34
CA THR B 97 11.24 15.49 25.38
C THR B 97 10.39 16.73 25.13
N LYS B 98 9.61 17.20 26.09
CA LYS B 98 8.82 18.40 25.86
C LYS B 98 7.61 18.20 24.94
N THR B 99 6.78 17.21 25.25
CA THR B 99 5.57 16.95 24.50
C THR B 99 4.57 18.10 24.67
N SER B 100 3.51 18.07 23.85
CA SER B 100 2.44 19.05 23.88
C SER B 100 1.14 18.34 24.26
N ARG B 101 0.01 19.06 24.19
CA ARG B 101 -1.27 18.44 24.49
C ARG B 101 -2.33 18.93 23.51
N CYS B 102 -2.50 18.23 22.39
CA CYS B 102 -3.35 18.69 21.31
C CYS B 102 -4.70 17.98 21.34
N LEU B 103 -5.63 18.49 20.53
CA LEU B 103 -6.96 17.91 20.44
C LEU B 103 -7.00 16.95 19.27
N ASN B 104 -6.92 15.66 19.57
CA ASN B 104 -6.92 14.61 18.57
C ASN B 104 -8.03 14.74 17.54
N LEU B 105 -7.67 15.03 16.30
CA LEU B 105 -8.64 15.17 15.23
C LEU B 105 -8.18 14.42 13.99
N GLY B 106 -7.22 13.53 14.17
CA GLY B 106 -6.69 12.77 13.05
C GLY B 106 -6.51 11.28 13.27
N SER B 107 -7.20 10.72 14.26
CA SER B 107 -7.10 9.29 14.54
C SER B 107 -8.23 8.55 13.84
N TYR B 108 -8.82 7.55 14.50
CA TYR B 108 -9.92 6.84 13.87
C TYR B 108 -10.97 6.25 14.80
N ASN B 109 -10.69 6.17 16.10
CA ASN B 109 -11.68 5.60 17.01
C ASN B 109 -13.01 6.34 16.96
N TYR B 110 -13.91 5.87 16.12
CA TYR B 110 -15.22 6.49 15.95
C TYR B 110 -16.09 6.38 17.20
N LEU B 111 -16.19 5.17 17.73
CA LEU B 111 -17.01 4.93 18.92
C LEU B 111 -16.25 5.13 20.22
N GLY B 112 -14.97 5.48 20.11
CA GLY B 112 -14.14 5.70 21.28
C GLY B 112 -13.84 4.44 22.08
N PHE B 113 -13.45 3.39 21.38
CA PHE B 113 -13.10 2.13 22.03
C PHE B 113 -11.59 1.99 22.15
N GLY B 114 -10.87 2.80 21.39
CA GLY B 114 -9.43 2.76 21.40
C GLY B 114 -8.78 3.60 22.48
N SER B 115 -8.96 3.18 23.73
CA SER B 115 -8.39 3.89 24.87
C SER B 115 -8.36 2.96 26.08
N PHE B 116 -9.33 3.15 26.98
CA PHE B 116 -9.44 2.34 28.17
C PHE B 116 -10.84 2.49 28.77
N ASP B 117 -11.67 1.48 28.58
CA ASP B 117 -13.03 1.52 29.12
C ASP B 117 -13.10 0.56 30.31
N GLU B 118 -14.20 0.63 31.06
CA GLU B 118 -14.37 -0.20 32.25
C GLU B 118 -14.99 -1.56 32.00
N TYR B 119 -14.91 -2.07 30.77
CA TYR B 119 -15.49 -3.37 30.48
C TYR B 119 -14.62 -4.24 29.58
N CYS B 120 -13.83 -3.63 28.72
CA CYS B 120 -12.99 -4.38 27.80
C CYS B 120 -11.58 -4.64 28.33
N THR B 121 -10.92 -3.59 28.81
CA THR B 121 -9.57 -3.71 29.34
C THR B 121 -9.44 -4.81 30.39
N PRO B 122 -10.34 -4.83 31.37
CA PRO B 122 -10.31 -5.84 32.43
C PRO B 122 -10.43 -7.26 31.89
N ARG B 123 -11.25 -7.46 30.87
CA ARG B 123 -11.44 -8.78 30.28
C ARG B 123 -10.28 -9.14 29.37
N VAL B 124 -9.85 -8.21 28.54
CA VAL B 124 -8.74 -8.45 27.62
C VAL B 124 -7.45 -8.78 28.38
N ILE B 125 -7.21 -8.07 29.46
CA ILE B 125 -6.01 -8.29 30.27
C ILE B 125 -6.03 -9.63 30.97
N GLU B 126 -7.22 -10.11 31.33
CA GLU B 126 -7.35 -11.38 32.02
C GLU B 126 -7.23 -12.56 31.07
N SER B 127 -7.42 -12.31 29.78
CA SER B 127 -7.33 -13.36 28.77
C SER B 127 -5.95 -13.42 28.13
N LEU B 128 -5.10 -12.48 28.49
CA LEU B 128 -3.74 -12.46 27.97
C LEU B 128 -2.80 -13.18 28.91
N LYS B 129 -3.26 -13.46 30.12
CA LYS B 129 -2.46 -14.16 31.11
C LYS B 129 -2.91 -15.60 31.21
N LYS B 130 -3.57 -16.08 30.16
CA LYS B 130 -4.05 -17.45 30.11
C LYS B 130 -3.72 -18.08 28.76
N PHE B 131 -3.54 -17.23 27.76
CA PHE B 131 -3.20 -17.70 26.41
C PHE B 131 -1.86 -17.12 25.98
N SER B 132 -1.45 -16.06 26.65
CA SER B 132 -0.17 -15.37 26.42
C SER B 132 0.10 -14.85 25.01
N ALA B 133 -0.39 -13.64 24.72
CA ALA B 133 -0.18 -13.01 23.41
C ALA B 133 -0.42 -13.96 22.24
N SER B 134 0.52 -13.98 21.31
CA SER B 134 0.42 -14.82 20.12
C SER B 134 0.53 -16.32 20.40
N THR B 135 0.09 -17.14 19.45
CA THR B 135 0.12 -18.59 19.60
C THR B 135 1.16 -19.27 18.71
N CYS B 136 1.90 -18.46 17.94
CA CYS B 136 2.96 -18.93 17.06
C CYS B 136 2.61 -20.03 16.06
N SER B 137 1.38 -20.06 15.56
CA SER B 137 1.00 -21.10 14.62
C SER B 137 -0.15 -20.68 13.71
N SER B 138 -0.52 -21.53 12.77
CA SER B 138 -1.60 -21.23 11.85
C SER B 138 -2.95 -21.60 12.45
N ARG B 139 -4.02 -21.35 11.70
CA ARG B 139 -5.36 -21.67 12.18
C ARG B 139 -5.74 -23.10 11.85
N VAL B 140 -4.94 -23.74 11.01
CA VAL B 140 -5.18 -25.11 10.59
C VAL B 140 -4.23 -26.07 11.30
N ASP B 141 -3.39 -25.53 12.18
CA ASP B 141 -2.42 -26.34 12.91
C ASP B 141 -2.66 -26.31 14.41
N ALA B 142 -2.27 -25.21 15.04
CA ALA B 142 -2.44 -25.07 16.48
C ALA B 142 -2.90 -23.67 16.87
N GLY B 143 -3.50 -22.93 15.93
CA GLY B 143 -3.81 -21.55 16.19
C GLY B 143 -5.28 -21.26 16.41
N THR B 144 -6.08 -22.29 16.66
CA THR B 144 -7.50 -22.13 16.93
C THR B 144 -7.73 -22.38 18.41
N THR B 145 -7.75 -21.30 19.19
CA THR B 145 -8.03 -21.40 20.61
C THR B 145 -9.53 -21.29 20.83
N SER B 146 -9.96 -21.30 22.09
CA SER B 146 -11.37 -21.19 22.40
C SER B 146 -11.86 -19.79 22.08
N VAL B 147 -10.93 -18.83 22.10
CA VAL B 147 -11.27 -17.44 21.83
C VAL B 147 -11.33 -17.12 20.35
N HIS B 148 -10.91 -18.05 19.51
CA HIS B 148 -10.95 -17.85 18.06
C HIS B 148 -12.20 -18.48 17.50
N ALA B 149 -12.74 -19.45 18.22
CA ALA B 149 -13.94 -20.16 17.81
C ALA B 149 -15.18 -19.44 18.29
N GLU B 150 -15.01 -18.60 19.30
CA GLU B 150 -16.11 -17.84 19.87
C GLU B 150 -16.20 -16.45 19.27
N LEU B 151 -15.14 -16.05 18.56
CA LEU B 151 -15.10 -14.74 17.93
C LEU B 151 -15.63 -14.79 16.51
N GLU B 152 -15.78 -16.00 15.97
CA GLU B 152 -16.28 -16.18 14.61
C GLU B 152 -17.79 -16.36 14.61
N GLU B 153 -18.37 -16.39 15.80
CA GLU B 153 -19.81 -16.56 15.97
C GLU B 153 -20.41 -15.20 16.28
N CYS B 154 -19.62 -14.35 16.92
CA CYS B 154 -20.05 -13.01 17.29
C CYS B 154 -20.09 -12.14 16.05
N VAL B 155 -19.18 -12.38 15.12
CA VAL B 155 -19.13 -11.60 13.89
C VAL B 155 -20.20 -12.06 12.91
N THR B 156 -20.66 -13.30 13.06
CA THR B 156 -21.69 -13.83 12.19
C THR B 156 -23.06 -13.31 12.62
N ARG B 157 -23.19 -12.99 13.90
CA ARG B 157 -24.43 -12.48 14.45
C ARG B 157 -24.55 -10.99 14.17
N PHE B 158 -23.43 -10.30 14.26
CA PHE B 158 -23.40 -8.86 14.03
C PHE B 158 -23.68 -8.55 12.57
N VAL B 159 -22.78 -9.00 11.69
CA VAL B 159 -22.92 -8.75 10.26
C VAL B 159 -24.28 -9.22 9.75
N GLY B 160 -24.67 -10.45 10.09
CA GLY B 160 -25.95 -10.94 9.67
C GLY B 160 -25.89 -12.19 8.80
N LYS B 161 -24.79 -12.36 8.09
CA LYS B 161 -24.64 -13.42 7.12
C LYS B 161 -24.36 -14.76 7.82
N PRO B 162 -24.56 -15.88 7.12
CA PRO B 162 -24.48 -17.18 7.81
C PRO B 162 -23.11 -17.65 8.24
N ALA B 163 -22.02 -17.03 7.77
CA ALA B 163 -20.69 -17.50 8.16
C ALA B 163 -19.69 -16.36 8.00
N ALA B 164 -18.54 -16.51 8.67
CA ALA B 164 -17.52 -15.48 8.68
C ALA B 164 -16.16 -16.09 9.00
N VAL B 165 -15.11 -15.51 8.43
CA VAL B 165 -13.72 -15.86 8.72
C VAL B 165 -12.96 -14.58 9.06
N VAL B 166 -12.18 -14.61 10.13
CA VAL B 166 -11.42 -13.46 10.58
C VAL B 166 -9.94 -13.71 10.34
N PHE B 167 -9.23 -12.66 9.90
CA PHE B 167 -7.82 -12.70 9.61
C PHE B 167 -7.06 -11.76 10.54
N GLY B 168 -5.77 -11.62 10.31
CA GLY B 168 -4.95 -10.78 11.15
C GLY B 168 -4.56 -9.44 10.54
N MET B 169 -4.91 -9.22 9.28
CA MET B 169 -4.58 -7.98 8.61
C MET B 169 -5.78 -7.51 7.80
N GLY B 170 -5.91 -6.20 7.65
CA GLY B 170 -6.96 -5.62 6.84
C GLY B 170 -6.52 -5.39 5.42
N TYR B 171 -5.21 -5.28 5.21
CA TYR B 171 -4.62 -5.13 3.89
C TYR B 171 -4.33 -6.47 3.21
N ALA B 172 -4.17 -7.54 3.98
CA ALA B 172 -4.01 -8.88 3.44
C ALA B 172 -5.32 -9.62 3.32
N THR B 173 -6.43 -9.00 3.70
CA THR B 173 -7.75 -9.55 3.51
C THR B 173 -8.27 -9.27 2.10
N ASN B 174 -7.52 -8.48 1.32
CA ASN B 174 -7.89 -8.22 -0.07
C ASN B 174 -6.86 -8.67 -1.08
N SER B 175 -5.60 -8.91 -0.69
CA SER B 175 -4.59 -9.38 -1.63
C SER B 175 -4.49 -10.89 -1.69
N ALA B 176 -5.11 -11.60 -0.75
CA ALA B 176 -5.01 -13.06 -0.68
C ALA B 176 -6.35 -13.74 -0.85
N ILE B 177 -7.42 -12.98 -1.07
CA ILE B 177 -8.75 -13.56 -1.29
C ILE B 177 -9.31 -13.28 -2.67
N ILE B 178 -9.02 -12.14 -3.30
CA ILE B 178 -9.48 -11.92 -4.67
C ILE B 178 -8.86 -12.95 -5.62
N PRO B 179 -7.57 -13.28 -5.53
CA PRO B 179 -7.03 -14.33 -6.42
C PRO B 179 -7.72 -15.66 -6.29
N VAL B 180 -8.29 -15.98 -5.13
CA VAL B 180 -9.01 -17.25 -4.98
C VAL B 180 -10.33 -17.26 -5.73
N LEU B 181 -11.10 -16.18 -5.68
CA LEU B 181 -12.42 -16.13 -6.28
C LEU B 181 -12.40 -15.98 -7.79
N ILE B 182 -11.49 -15.19 -8.34
CA ILE B 182 -11.45 -14.95 -9.78
C ILE B 182 -10.01 -15.08 -10.27
N GLY B 183 -9.86 -15.46 -11.53
CA GLY B 183 -8.54 -15.68 -12.08
C GLY B 183 -8.40 -15.19 -13.50
N LYS B 184 -7.74 -15.96 -14.35
CA LYS B 184 -7.51 -15.57 -15.74
C LYS B 184 -8.73 -15.96 -16.57
N GLY B 185 -9.39 -14.96 -17.14
CA GLY B 185 -10.60 -15.22 -17.90
C GLY B 185 -11.80 -14.59 -17.25
N GLY B 186 -11.56 -13.75 -16.25
CA GLY B 186 -12.62 -13.06 -15.56
C GLY B 186 -12.38 -11.56 -15.59
N LEU B 187 -13.43 -10.82 -15.24
CA LEU B 187 -13.42 -9.37 -15.27
C LEU B 187 -13.75 -8.81 -13.91
N ILE B 188 -13.23 -7.61 -13.62
CA ILE B 188 -13.51 -6.92 -12.37
C ILE B 188 -13.84 -5.46 -12.67
N ILE B 189 -15.12 -5.11 -12.65
CA ILE B 189 -15.51 -3.71 -12.79
C ILE B 189 -15.38 -3.03 -11.44
N SER B 190 -14.25 -2.38 -11.21
CA SER B 190 -14.02 -1.70 -9.94
C SER B 190 -14.41 -0.23 -10.04
N ASP B 191 -14.69 0.36 -8.90
CA ASP B 191 -14.93 1.79 -8.81
C ASP B 191 -13.60 2.51 -8.92
N SER B 192 -13.65 3.77 -9.35
CA SER B 192 -12.43 4.55 -9.52
C SER B 192 -11.64 4.64 -8.21
N LEU B 193 -12.30 5.09 -7.16
CA LEU B 193 -11.63 5.34 -5.88
C LEU B 193 -11.81 4.13 -4.96
N ASN B 194 -10.95 3.14 -5.17
CA ASN B 194 -10.83 2.03 -4.25
C ASN B 194 -9.45 2.02 -3.61
N HIS B 195 -9.38 1.35 -2.46
CA HIS B 195 -8.13 1.24 -1.71
C HIS B 195 -7.09 0.50 -2.52
N SER B 196 -5.82 0.76 -2.21
CA SER B 196 -4.73 0.11 -2.93
C SER B 196 -4.73 -1.40 -2.72
N SER B 197 -5.27 -1.87 -1.60
CA SER B 197 -5.31 -3.30 -1.35
C SER B 197 -6.17 -4.02 -2.38
N ILE B 198 -7.31 -3.45 -2.74
CA ILE B 198 -8.15 -4.03 -3.78
C ILE B 198 -7.41 -4.08 -5.10
N VAL B 199 -6.73 -3.00 -5.47
CA VAL B 199 -6.02 -2.97 -6.75
C VAL B 199 -4.93 -4.02 -6.77
N ASN B 200 -4.14 -4.10 -5.70
CA ASN B 200 -3.07 -5.08 -5.64
C ASN B 200 -3.65 -6.49 -5.61
N GLY B 201 -4.89 -6.60 -5.17
CA GLY B 201 -5.57 -7.87 -5.09
C GLY B 201 -6.02 -8.32 -6.46
N ALA B 202 -6.32 -7.38 -7.34
CA ALA B 202 -6.76 -7.69 -8.68
C ALA B 202 -5.58 -7.92 -9.60
N ARG B 203 -4.42 -7.44 -9.19
CA ARG B 203 -3.20 -7.60 -9.98
C ARG B 203 -2.44 -8.86 -9.57
N GLY B 204 -2.97 -9.56 -8.57
CA GLY B 204 -2.36 -10.78 -8.08
C GLY B 204 -2.86 -12.00 -8.82
N SER B 205 -3.84 -11.79 -9.69
CA SER B 205 -4.41 -12.85 -10.49
C SER B 205 -4.26 -12.48 -11.96
N GLY B 206 -4.87 -13.25 -12.84
CA GLY B 206 -4.80 -12.98 -14.26
C GLY B 206 -6.09 -12.39 -14.76
N ALA B 207 -6.78 -11.66 -13.90
CA ALA B 207 -8.05 -11.06 -14.25
C ALA B 207 -7.87 -9.65 -14.82
N THR B 208 -8.74 -9.28 -15.74
CA THR B 208 -8.68 -7.96 -16.36
C THR B 208 -9.41 -6.98 -15.45
N ILE B 209 -8.98 -5.72 -15.46
CA ILE B 209 -9.61 -4.72 -14.61
C ILE B 209 -10.13 -3.52 -15.38
N ARG B 210 -11.37 -3.15 -15.11
CA ARG B 210 -11.99 -2.00 -15.74
C ARG B 210 -12.42 -1.02 -14.66
N VAL B 211 -12.82 0.18 -15.05
CA VAL B 211 -13.22 1.18 -14.06
C VAL B 211 -14.40 2.02 -14.50
N PHE B 212 -15.40 2.13 -13.62
CA PHE B 212 -16.57 2.94 -13.90
C PHE B 212 -16.59 4.16 -12.99
N GLN B 213 -17.17 5.24 -13.49
CA GLN B 213 -17.25 6.52 -12.79
C GLN B 213 -17.62 6.37 -11.33
N HIS B 214 -16.96 7.12 -10.47
CA HIS B 214 -17.21 7.03 -9.04
C HIS B 214 -18.65 7.35 -8.70
N ASN B 215 -19.37 6.35 -8.22
CA ASN B 215 -20.67 6.54 -7.58
C ASN B 215 -21.69 7.16 -8.53
N THR B 216 -21.77 6.60 -9.73
CA THR B 216 -22.87 6.89 -10.66
C THR B 216 -23.27 5.60 -11.37
N PRO B 217 -24.46 5.07 -11.09
CA PRO B 217 -24.85 3.78 -11.68
C PRO B 217 -25.22 3.84 -13.15
N SER B 218 -25.44 5.03 -13.72
CA SER B 218 -25.77 5.10 -15.14
C SER B 218 -24.56 4.83 -16.03
N HIS B 219 -23.35 4.88 -15.49
CA HIS B 219 -22.14 4.53 -16.21
C HIS B 219 -21.73 3.09 -15.98
N LEU B 220 -22.08 2.51 -14.83
CA LEU B 220 -21.84 1.10 -14.57
C LEU B 220 -22.58 0.21 -15.56
N GLU B 221 -23.84 0.49 -15.85
CA GLU B 221 -24.59 -0.30 -16.82
C GLU B 221 -24.04 -0.18 -18.23
N ARG B 222 -23.63 1.01 -18.63
CA ARG B 222 -22.99 1.21 -19.93
C ARG B 222 -21.64 0.53 -20.03
N VAL B 223 -20.88 0.44 -18.94
CA VAL B 223 -19.66 -0.35 -18.96
C VAL B 223 -19.93 -1.85 -19.01
N LEU B 224 -20.92 -2.33 -18.27
CA LEU B 224 -21.29 -3.74 -18.31
C LEU B 224 -21.79 -4.20 -19.68
N ARG B 225 -22.61 -3.40 -20.34
CA ARG B 225 -23.13 -3.82 -21.64
C ARG B 225 -22.01 -4.02 -22.66
N GLU B 226 -21.07 -3.08 -22.74
CA GLU B 226 -19.97 -3.21 -23.69
C GLU B 226 -19.13 -4.43 -23.40
N GLN B 227 -18.81 -4.67 -22.13
CA GLN B 227 -17.95 -5.79 -21.78
C GLN B 227 -18.63 -7.12 -22.05
N ILE B 228 -19.91 -7.23 -21.72
CA ILE B 228 -20.61 -8.50 -21.92
C ILE B 228 -20.80 -8.78 -23.40
N ALA B 229 -21.15 -7.75 -24.18
CA ALA B 229 -21.36 -7.96 -25.61
C ALA B 229 -20.06 -8.23 -26.34
N GLU B 230 -19.06 -7.41 -26.07
CA GLU B 230 -17.75 -7.49 -26.71
C GLU B 230 -16.90 -8.74 -26.46
N GLY B 231 -16.89 -9.23 -25.23
CA GLY B 231 -16.09 -10.38 -24.89
C GLY B 231 -14.67 -10.03 -24.51
N GLN B 232 -13.85 -11.07 -24.39
CA GLN B 232 -12.46 -10.93 -23.97
C GLN B 232 -11.67 -10.13 -25.00
N PRO B 233 -10.60 -9.43 -24.58
CA PRO B 233 -9.96 -8.44 -25.44
C PRO B 233 -9.54 -8.91 -26.82
N ARG B 234 -8.64 -9.88 -26.88
CA ARG B 234 -8.14 -10.37 -28.16
C ARG B 234 -9.05 -11.38 -28.83
N THR B 235 -9.17 -12.54 -28.19
CA THR B 235 -10.01 -13.62 -28.71
C THR B 235 -11.40 -13.42 -28.14
N HIS B 236 -12.35 -13.08 -29.01
CA HIS B 236 -13.65 -12.63 -28.53
C HIS B 236 -14.46 -13.77 -27.93
N ARG B 237 -13.97 -14.32 -26.82
CA ARG B 237 -14.65 -15.36 -26.08
C ARG B 237 -15.46 -14.70 -24.97
N PRO B 238 -16.49 -15.36 -24.44
CA PRO B 238 -17.26 -14.75 -23.35
C PRO B 238 -16.55 -14.93 -22.01
N TRP B 239 -16.66 -13.89 -21.17
CA TRP B 239 -16.10 -13.97 -19.84
C TRP B 239 -16.77 -15.08 -19.04
N LYS B 240 -16.01 -15.70 -18.15
CA LYS B 240 -16.54 -16.76 -17.31
C LYS B 240 -17.09 -16.20 -16.00
N LYS B 241 -16.59 -15.05 -15.58
CA LYS B 241 -17.06 -14.42 -14.35
C LYS B 241 -17.02 -12.92 -14.53
N ILE B 242 -17.86 -12.23 -13.76
CA ILE B 242 -17.77 -10.78 -13.60
C ILE B 242 -18.00 -10.46 -12.13
N ILE B 243 -17.15 -9.62 -11.56
CA ILE B 243 -17.26 -9.21 -10.17
C ILE B 243 -17.24 -7.69 -10.11
N VAL B 244 -18.15 -7.11 -9.32
CA VAL B 244 -18.25 -5.66 -9.16
C VAL B 244 -17.87 -5.33 -7.73
N VAL B 245 -16.87 -4.45 -7.56
CA VAL B 245 -16.34 -4.09 -6.26
C VAL B 245 -16.73 -2.65 -5.95
N VAL B 246 -17.38 -2.45 -4.80
CA VAL B 246 -17.78 -1.11 -4.36
C VAL B 246 -17.39 -0.93 -2.90
N GLU B 247 -17.62 0.27 -2.38
CA GLU B 247 -17.27 0.61 -1.01
C GLU B 247 -18.45 1.26 -0.29
N GLY B 248 -18.66 0.92 0.97
CA GLY B 248 -19.75 1.51 1.73
C GLY B 248 -19.65 3.02 1.79
N ILE B 249 -18.63 3.52 2.46
CA ILE B 249 -18.32 4.95 2.51
C ILE B 249 -16.99 5.14 1.82
N TYR B 250 -16.95 6.03 0.82
CA TYR B 250 -15.72 6.32 0.11
C TYR B 250 -14.94 7.39 0.87
N SER B 251 -13.93 6.97 1.61
CA SER B 251 -13.16 7.90 2.41
C SER B 251 -12.41 8.88 1.49
N MET B 252 -12.12 10.06 2.04
CA MET B 252 -11.52 11.17 1.29
C MET B 252 -12.46 11.71 0.23
N GLU B 253 -13.72 11.28 0.28
CA GLU B 253 -14.78 11.95 -0.46
C GLU B 253 -16.00 12.05 0.44
N GLY B 254 -16.02 11.23 1.51
CA GLY B 254 -17.12 11.20 2.45
C GLY B 254 -18.45 10.80 1.86
N GLU B 255 -18.43 9.93 0.85
CA GLU B 255 -19.61 9.62 0.06
C GLU B 255 -20.17 8.27 0.45
N ILE B 256 -21.48 8.21 0.63
CA ILE B 256 -22.18 6.95 0.89
C ILE B 256 -22.64 6.39 -0.44
N CYS B 257 -22.39 5.10 -0.66
CA CYS B 257 -22.63 4.47 -1.94
C CYS B 257 -24.12 4.45 -2.27
N HIS B 258 -24.42 4.40 -3.58
CA HIS B 258 -25.78 4.23 -4.07
C HIS B 258 -26.08 2.74 -4.20
N LEU B 259 -26.09 2.08 -3.04
CA LEU B 259 -26.18 0.62 -3.03
C LEU B 259 -27.47 0.08 -3.62
N PRO B 260 -28.67 0.63 -3.34
CA PRO B 260 -29.87 0.09 -3.98
C PRO B 260 -29.86 0.19 -5.49
N GLU B 261 -29.26 1.23 -6.06
CA GLU B 261 -29.20 1.41 -7.50
C GLU B 261 -28.01 0.72 -8.15
N VAL B 262 -27.11 0.16 -7.38
CA VAL B 262 -26.04 -0.68 -7.91
C VAL B 262 -26.37 -2.16 -7.79
N VAL B 263 -27.05 -2.56 -6.72
CA VAL B 263 -27.55 -3.93 -6.59
C VAL B 263 -28.49 -4.34 -7.73
N ALA B 264 -29.46 -3.50 -8.07
CA ALA B 264 -30.44 -3.85 -9.08
C ALA B 264 -29.85 -3.94 -10.48
N ILE B 265 -28.78 -3.21 -10.77
CA ILE B 265 -28.12 -3.31 -12.06
C ILE B 265 -27.32 -4.60 -12.17
N CYS B 266 -26.54 -4.94 -11.14
CA CYS B 266 -25.81 -6.19 -11.11
C CYS B 266 -26.71 -7.42 -11.04
N LYS B 267 -27.91 -7.26 -10.49
CA LYS B 267 -28.83 -8.38 -10.38
C LYS B 267 -29.47 -8.77 -11.71
N LYS B 268 -29.47 -7.84 -12.66
CA LYS B 268 -30.05 -8.07 -13.97
C LYS B 268 -29.05 -8.61 -14.99
N TYR B 269 -27.79 -8.21 -14.86
CA TYR B 269 -26.74 -8.67 -15.77
C TYR B 269 -25.98 -9.85 -15.18
N LYS B 270 -26.49 -10.47 -14.14
CA LYS B 270 -25.87 -11.66 -13.57
C LYS B 270 -24.45 -11.51 -13.03
N ALA B 271 -24.07 -10.31 -12.65
CA ALA B 271 -22.74 -10.07 -12.11
C ALA B 271 -22.75 -10.31 -10.61
N TYR B 272 -21.59 -10.25 -9.97
CA TYR B 272 -21.49 -10.48 -8.54
C TYR B 272 -21.08 -9.19 -7.84
N VAL B 273 -21.64 -8.94 -6.66
CA VAL B 273 -21.32 -7.74 -5.90
C VAL B 273 -20.33 -8.05 -4.79
N TYR B 274 -19.43 -7.12 -4.55
CA TYR B 274 -18.40 -7.26 -3.53
C TYR B 274 -18.39 -5.99 -2.70
N LEU B 275 -18.91 -6.07 -1.47
CA LEU B 275 -18.96 -4.90 -0.61
C LEU B 275 -17.70 -4.69 0.22
N ASP B 276 -17.41 -3.43 0.54
CA ASP B 276 -16.23 -3.08 1.30
C ASP B 276 -16.57 -2.18 2.49
N GLU B 277 -16.98 -2.79 3.60
CA GLU B 277 -17.37 -2.03 4.79
C GLU B 277 -16.23 -1.70 5.76
N ALA B 278 -15.19 -1.05 5.25
CA ALA B 278 -14.05 -0.67 6.07
C ALA B 278 -14.36 0.52 6.97
N HIS B 279 -15.05 1.53 6.45
CA HIS B 279 -15.28 2.78 7.16
C HIS B 279 -16.68 2.88 7.76
N SER B 280 -17.55 1.91 7.49
CA SER B 280 -18.97 2.07 7.79
C SER B 280 -19.54 0.81 8.43
N ILE B 281 -18.83 0.25 9.39
CA ILE B 281 -19.25 -0.99 10.03
C ILE B 281 -19.60 -0.80 11.50
N GLY B 282 -19.20 0.33 12.09
CA GLY B 282 -19.68 0.67 13.42
C GLY B 282 -20.13 2.11 13.48
N ALA B 283 -19.82 2.85 12.43
CA ALA B 283 -20.09 4.28 12.41
C ALA B 283 -21.54 4.57 12.03
N ILE B 284 -21.95 4.17 10.83
CA ILE B 284 -23.28 4.53 10.36
C ILE B 284 -24.25 3.37 10.60
N GLY B 285 -25.54 3.68 10.53
CA GLY B 285 -26.57 2.72 10.85
C GLY B 285 -27.17 3.01 12.21
N LYS B 286 -28.44 2.67 12.41
CA LYS B 286 -29.08 2.95 13.68
C LYS B 286 -28.57 2.05 14.80
N THR B 287 -28.04 0.87 14.46
CA THR B 287 -27.50 -0.05 15.46
C THR B 287 -26.03 -0.36 15.14
N GLY B 288 -25.43 0.39 14.22
CA GLY B 288 -24.06 0.13 13.84
C GLY B 288 -23.89 -1.08 12.95
N LYS B 289 -24.94 -1.50 12.26
CA LYS B 289 -24.88 -2.68 11.41
C LYS B 289 -24.40 -2.38 10.00
N GLY B 290 -24.08 -1.13 9.68
CA GLY B 290 -23.47 -0.81 8.41
C GLY B 290 -24.39 -0.09 7.45
N ILE B 291 -23.98 -0.11 6.17
CA ILE B 291 -24.75 0.54 5.12
C ILE B 291 -25.90 -0.32 4.63
N CYS B 292 -25.84 -1.64 4.83
CA CYS B 292 -26.96 -2.49 4.46
C CYS B 292 -28.16 -2.29 5.37
N GLU B 293 -27.96 -1.68 6.53
CA GLU B 293 -29.04 -1.36 7.44
C GLU B 293 -29.49 0.09 7.33
N LEU B 294 -28.56 0.99 7.06
CA LEU B 294 -28.90 2.40 6.93
C LEU B 294 -29.73 2.65 5.68
N LEU B 295 -29.29 2.11 4.55
CA LEU B 295 -29.98 2.30 3.29
C LEU B 295 -31.14 1.32 3.08
N GLY B 296 -31.26 0.34 3.98
CA GLY B 296 -32.32 -0.64 3.89
C GLY B 296 -32.24 -1.48 2.63
N VAL B 297 -31.26 -2.37 2.58
CA VAL B 297 -31.07 -3.25 1.44
C VAL B 297 -30.93 -4.69 1.92
N ASP B 298 -31.55 -5.62 1.21
CA ASP B 298 -31.47 -7.03 1.58
C ASP B 298 -30.02 -7.46 1.63
N THR B 299 -29.66 -8.21 2.68
CA THR B 299 -28.29 -8.67 2.84
C THR B 299 -27.92 -9.90 2.02
N ALA B 300 -28.90 -10.49 1.34
CA ALA B 300 -28.67 -11.66 0.52
C ALA B 300 -28.48 -11.26 -0.95
N ASP B 301 -28.39 -9.96 -1.19
CA ASP B 301 -28.20 -9.44 -2.54
C ASP B 301 -26.71 -9.26 -2.81
N VAL B 302 -25.91 -9.28 -1.75
CA VAL B 302 -24.47 -9.13 -1.87
C VAL B 302 -23.81 -10.47 -1.59
N ASP B 303 -22.93 -10.91 -2.47
CA ASP B 303 -22.26 -12.19 -2.32
C ASP B 303 -21.15 -12.25 -1.29
N VAL B 304 -20.23 -11.28 -1.33
CA VAL B 304 -19.13 -11.24 -0.38
C VAL B 304 -19.12 -9.92 0.36
N MET B 305 -18.77 -9.95 1.64
CA MET B 305 -18.72 -8.76 2.47
C MET B 305 -17.42 -8.70 3.25
N MET B 306 -16.57 -7.73 2.97
CA MET B 306 -15.32 -7.63 3.69
C MET B 306 -15.34 -6.41 4.60
N GLY B 307 -14.60 -6.49 5.71
CA GLY B 307 -14.60 -5.43 6.68
C GLY B 307 -13.28 -5.37 7.42
N THR B 308 -13.28 -4.59 8.50
CA THR B 308 -12.05 -4.33 9.23
C THR B 308 -12.41 -3.79 10.61
N PHE B 309 -11.71 -4.28 11.64
CA PHE B 309 -11.96 -3.89 13.01
C PHE B 309 -11.05 -2.77 13.48
N THR B 310 -10.23 -2.21 12.59
CA THR B 310 -9.22 -1.25 13.02
C THR B 310 -9.77 0.12 13.37
N LYS B 311 -10.82 0.57 12.69
CA LYS B 311 -11.34 1.91 12.94
C LYS B 311 -12.43 2.09 13.99
N SER B 312 -13.37 1.16 14.07
CA SER B 312 -14.46 1.32 15.02
C SER B 312 -14.27 0.53 16.31
N PHE B 313 -13.77 -0.70 16.24
CA PHE B 313 -13.66 -1.55 17.42
C PHE B 313 -12.31 -1.44 18.12
N GLY B 314 -11.38 -0.67 17.58
CA GLY B 314 -10.10 -0.45 18.24
C GLY B 314 -9.24 -1.69 18.39
N SER B 315 -9.10 -2.47 17.32
CA SER B 315 -8.27 -3.66 17.33
C SER B 315 -7.97 -4.12 15.91
N CYS B 316 -6.72 -4.45 15.63
CA CYS B 316 -6.33 -4.85 14.28
C CYS B 316 -7.01 -6.14 13.85
N GLY B 317 -7.33 -6.24 12.58
CA GLY B 317 -7.90 -7.46 12.04
C GLY B 317 -8.81 -7.18 10.87
N GLY B 318 -9.36 -8.26 10.31
CA GLY B 318 -10.29 -8.16 9.21
C GLY B 318 -11.18 -9.39 9.17
N TYR B 319 -12.25 -9.31 8.38
CA TYR B 319 -13.20 -10.40 8.30
C TYR B 319 -13.80 -10.46 6.91
N ILE B 320 -14.37 -11.62 6.59
CA ILE B 320 -15.13 -11.82 5.36
C ILE B 320 -16.38 -12.61 5.72
N ALA B 321 -17.53 -12.15 5.24
CA ALA B 321 -18.80 -12.78 5.52
C ALA B 321 -19.47 -13.22 4.21
N GLY B 322 -20.09 -14.38 4.24
CA GLY B 322 -20.74 -14.90 3.06
C GLY B 322 -21.55 -16.12 3.37
N SER B 323 -21.88 -16.87 2.32
CA SER B 323 -22.65 -18.10 2.50
C SER B 323 -21.80 -19.16 3.18
N LYS B 324 -22.47 -20.24 3.58
CA LYS B 324 -21.81 -21.26 4.39
C LYS B 324 -20.80 -22.06 3.58
N GLU B 325 -20.99 -22.19 2.27
CA GLU B 325 -20.04 -22.93 1.46
C GLU B 325 -19.00 -22.05 0.76
N LEU B 326 -19.11 -20.73 0.85
CA LEU B 326 -17.99 -19.87 0.49
C LEU B 326 -16.90 -19.88 1.55
N ILE B 327 -17.30 -19.80 2.82
CA ILE B 327 -16.35 -19.91 3.92
C ILE B 327 -15.67 -21.27 3.96
N GLN B 328 -16.39 -22.35 3.67
CA GLN B 328 -15.78 -23.66 3.63
C GLN B 328 -14.73 -23.77 2.53
N TYR B 329 -14.94 -23.09 1.41
CA TYR B 329 -13.94 -23.08 0.34
C TYR B 329 -12.73 -22.24 0.71
N LEU B 330 -12.97 -21.05 1.26
CA LEU B 330 -11.86 -20.18 1.65
C LEU B 330 -11.00 -20.83 2.73
N LYS B 331 -11.62 -21.47 3.72
CA LYS B 331 -10.87 -22.07 4.80
C LYS B 331 -9.97 -23.19 4.29
N HIS B 332 -10.25 -23.73 3.12
CA HIS B 332 -9.52 -24.86 2.58
C HIS B 332 -8.55 -24.46 1.48
N GLN B 333 -8.73 -23.29 0.87
CA GLN B 333 -7.83 -22.88 -0.21
C GLN B 333 -7.22 -21.50 -0.06
N CYS B 334 -7.66 -20.67 0.88
CA CYS B 334 -7.10 -19.32 0.98
C CYS B 334 -5.67 -19.37 1.52
N PRO B 335 -4.76 -18.59 0.93
CA PRO B 335 -3.36 -18.64 1.40
C PRO B 335 -3.10 -17.89 2.68
N ALA B 336 -3.95 -16.95 3.06
CA ALA B 336 -3.79 -16.22 4.31
C ALA B 336 -4.35 -16.98 5.50
N HIS B 337 -5.00 -18.12 5.25
CA HIS B 337 -5.52 -18.97 6.29
C HIS B 337 -4.65 -20.18 6.56
N LEU B 338 -3.90 -20.64 5.56
CA LEU B 338 -3.05 -21.81 5.68
C LEU B 338 -1.64 -21.50 6.12
N TYR B 339 -1.09 -20.36 5.72
CA TYR B 339 0.31 -20.02 5.97
C TYR B 339 0.51 -18.96 7.03
N ALA B 340 -0.43 -18.03 7.20
CA ALA B 340 -0.22 -16.92 8.10
C ALA B 340 -0.50 -17.33 9.55
N THR B 341 0.11 -16.59 10.47
CA THR B 341 -0.10 -16.81 11.89
C THR B 341 -1.45 -16.26 12.33
N SER B 342 -2.09 -16.94 13.29
CA SER B 342 -3.43 -16.56 13.72
C SER B 342 -3.42 -15.20 14.41
N ILE B 343 -4.58 -14.58 14.46
CA ILE B 343 -4.76 -13.28 15.13
C ILE B 343 -4.48 -13.44 16.61
N PRO B 344 -3.78 -12.50 17.24
CA PRO B 344 -3.44 -12.66 18.66
C PRO B 344 -4.67 -12.72 19.54
N THR B 345 -4.55 -13.45 20.64
CA THR B 345 -5.68 -13.70 21.53
C THR B 345 -6.22 -12.44 22.20
N PRO B 346 -5.39 -11.57 22.78
CA PRO B 346 -5.95 -10.34 23.38
C PRO B 346 -6.42 -9.32 22.36
N SER B 347 -6.09 -9.50 21.08
CA SER B 347 -6.66 -8.66 20.03
C SER B 347 -8.02 -9.18 19.58
N ALA B 348 -8.28 -10.47 19.76
CA ALA B 348 -9.58 -11.05 19.46
C ALA B 348 -10.53 -10.98 20.65
N GLN B 349 -10.01 -10.93 21.87
CA GLN B 349 -10.84 -10.75 23.04
C GLN B 349 -11.39 -9.34 23.16
N GLN B 350 -10.79 -8.37 22.47
CA GLN B 350 -11.25 -6.99 22.48
C GLN B 350 -12.26 -6.71 21.39
N ILE B 351 -12.57 -7.69 20.54
CA ILE B 351 -13.60 -7.53 19.52
C ILE B 351 -14.89 -8.14 20.05
N ILE B 352 -14.76 -9.30 20.72
CA ILE B 352 -15.93 -9.92 21.34
C ILE B 352 -16.53 -9.00 22.39
N SER B 353 -15.70 -8.46 23.28
CA SER B 353 -16.18 -7.63 24.36
C SER B 353 -16.59 -6.24 23.89
N ALA B 354 -16.17 -5.83 22.69
CA ALA B 354 -16.65 -4.60 22.11
C ALA B 354 -17.98 -4.77 21.39
N ILE B 355 -18.17 -5.91 20.71
CA ILE B 355 -19.46 -6.22 20.11
C ILE B 355 -20.53 -6.45 21.16
N LYS B 356 -20.18 -7.08 22.30
CA LYS B 356 -21.16 -7.25 23.36
C LYS B 356 -21.58 -5.93 23.99
N VAL B 357 -20.79 -4.86 23.81
CA VAL B 357 -21.18 -3.56 24.35
C VAL B 357 -22.14 -2.85 23.40
N ILE B 358 -21.89 -2.90 22.09
CA ILE B 358 -22.76 -2.25 21.12
C ILE B 358 -24.15 -2.88 21.14
N LEU B 359 -24.23 -4.21 21.20
CA LEU B 359 -25.53 -4.87 21.22
C LEU B 359 -26.26 -4.72 22.55
N GLY B 360 -25.60 -4.18 23.57
CA GLY B 360 -26.23 -3.99 24.85
C GLY B 360 -26.26 -5.21 25.74
N GLU B 361 -25.34 -6.16 25.52
CA GLU B 361 -25.31 -7.40 26.28
C GLU B 361 -24.36 -7.32 27.47
N ASP B 362 -23.86 -6.12 27.78
CA ASP B 362 -22.95 -5.92 28.90
C ASP B 362 -23.66 -5.53 30.18
N GLY B 363 -24.98 -5.48 30.18
CA GLY B 363 -25.73 -5.08 31.35
C GLY B 363 -26.06 -3.60 31.36
N SER B 364 -25.11 -2.78 30.98
CA SER B 364 -25.29 -1.33 31.01
C SER B 364 -26.09 -0.87 29.79
N ASN B 365 -26.18 0.45 29.60
CA ASN B 365 -26.89 1.03 28.47
C ASN B 365 -26.00 2.03 27.75
N ARG B 366 -24.69 1.95 27.97
CA ARG B 366 -23.74 2.89 27.41
C ARG B 366 -23.28 2.50 26.01
N GLY B 367 -23.93 1.51 25.40
CA GLY B 367 -23.60 1.14 24.03
C GLY B 367 -24.42 1.89 23.01
N ALA B 368 -25.57 2.43 23.40
CA ALA B 368 -26.40 3.25 22.53
C ALA B 368 -26.07 4.73 22.64
N GLN B 369 -25.53 5.17 23.77
CA GLN B 369 -25.07 6.54 23.92
C GLN B 369 -23.93 6.85 22.96
N LYS B 370 -23.02 5.90 22.74
CA LYS B 370 -21.97 6.10 21.76
C LYS B 370 -22.54 6.31 20.36
N LEU B 371 -23.48 5.45 19.99
CA LEU B 371 -24.12 5.51 18.69
C LEU B 371 -24.95 6.76 18.52
N ALA B 372 -25.39 7.34 19.63
CA ALA B 372 -26.19 8.55 19.59
C ALA B 372 -25.28 9.75 19.60
N ARG B 373 -24.21 9.67 20.38
CA ARG B 373 -23.26 10.75 20.51
C ARG B 373 -22.42 10.94 19.26
N ILE B 374 -22.23 9.87 18.49
CA ILE B 374 -21.45 9.96 17.27
C ILE B 374 -22.26 10.48 16.10
N ARG B 375 -23.58 10.50 16.25
CA ARG B 375 -24.46 10.99 15.21
C ARG B 375 -24.67 12.49 15.34
N GLU B 376 -24.60 12.98 16.57
CA GLU B 376 -24.77 14.39 16.84
C GLU B 376 -23.51 15.18 16.47
N ASN B 377 -22.38 14.71 16.98
CA ASN B 377 -21.10 15.35 16.73
C ASN B 377 -20.77 15.50 15.25
N SER B 378 -21.08 14.49 14.46
CA SER B 378 -20.79 14.53 13.03
C SER B 378 -21.78 15.41 12.28
N ASN B 379 -22.95 15.61 12.85
CA ASN B 379 -23.98 16.43 12.22
C ASN B 379 -23.79 17.89 12.60
N PHE B 380 -23.40 18.14 13.83
CA PHE B 380 -23.21 19.49 14.31
C PHE B 380 -21.91 20.12 13.82
N PHE B 381 -20.88 19.30 13.61
CA PHE B 381 -19.60 19.82 13.13
C PHE B 381 -19.66 20.14 11.65
N ARG B 382 -20.32 19.28 10.88
CA ARG B 382 -20.43 19.48 9.44
C ARG B 382 -21.42 20.58 9.07
N ALA B 383 -22.33 20.90 9.97
CA ALA B 383 -23.32 21.93 9.71
C ALA B 383 -22.78 23.29 10.13
N GLU B 384 -21.74 23.29 10.96
CA GLU B 384 -21.14 24.53 11.42
C GLU B 384 -20.05 24.97 10.46
N LEU B 385 -19.52 24.04 9.67
CA LEU B 385 -18.51 24.40 8.70
C LEU B 385 -19.10 24.94 7.41
N GLN B 386 -20.24 24.42 6.98
CA GLN B 386 -20.89 24.91 5.76
C GLN B 386 -21.35 26.34 5.93
N LYS B 387 -21.87 26.70 7.10
CA LYS B 387 -22.32 28.06 7.35
C LYS B 387 -21.18 29.04 7.49
N MET B 388 -19.94 28.58 7.56
CA MET B 388 -18.79 29.47 7.61
C MET B 388 -18.12 29.66 6.26
N GLY B 389 -18.58 28.97 5.23
CA GLY B 389 -18.09 29.21 3.89
C GLY B 389 -17.09 28.21 3.37
N PHE B 390 -16.79 27.19 4.16
CA PHE B 390 -15.82 26.17 3.76
C PHE B 390 -16.42 25.27 2.70
N GLU B 391 -15.56 24.46 2.08
CA GLU B 391 -15.97 23.44 1.12
C GLU B 391 -15.74 22.08 1.77
N VAL B 392 -16.78 21.55 2.42
CA VAL B 392 -16.68 20.25 3.08
C VAL B 392 -17.49 19.25 2.27
N LEU B 393 -16.93 18.06 2.10
CA LEU B 393 -17.57 16.98 1.38
C LEU B 393 -18.25 16.03 2.36
N GLY B 394 -19.12 15.18 1.85
CA GLY B 394 -19.86 14.24 2.66
C GLY B 394 -21.35 14.45 2.53
N ASP B 395 -22.12 13.48 3.05
CA ASP B 395 -23.55 13.61 2.84
C ASP B 395 -24.30 14.23 4.01
N ASN B 396 -24.55 13.45 5.07
CA ASN B 396 -25.09 14.02 6.29
C ASN B 396 -24.67 13.23 7.51
N ASP B 397 -24.24 11.98 7.30
CA ASP B 397 -24.09 11.02 8.38
C ASP B 397 -22.68 10.46 8.50
N SER B 398 -21.93 10.43 7.40
CA SER B 398 -20.59 9.90 7.45
C SER B 398 -19.73 10.73 8.40
N PRO B 399 -18.91 10.08 9.22
CA PRO B 399 -18.10 10.83 10.19
C PRO B 399 -16.77 11.28 9.62
N VAL B 400 -16.63 11.25 8.29
CA VAL B 400 -15.42 11.71 7.62
C VAL B 400 -15.77 12.97 6.84
N MET B 401 -15.01 14.04 7.02
CA MET B 401 -15.34 15.26 6.31
C MET B 401 -14.12 16.01 5.82
N PRO B 402 -13.74 15.76 4.57
CA PRO B 402 -12.59 16.43 3.96
C PRO B 402 -12.87 17.89 3.62
N ILE B 403 -11.88 18.74 3.90
CA ILE B 403 -11.93 20.15 3.56
C ILE B 403 -10.97 20.40 2.42
N MET B 404 -11.46 20.98 1.34
CA MET B 404 -10.64 21.15 0.14
C MET B 404 -9.73 22.36 0.27
N LEU B 405 -8.50 22.22 -0.21
CA LEU B 405 -7.50 23.28 -0.17
C LEU B 405 -7.05 23.75 -1.54
N TYR B 406 -6.82 22.84 -2.48
CA TYR B 406 -6.56 23.13 -3.89
C TYR B 406 -5.18 23.72 -4.15
N ASN B 407 -4.44 24.10 -3.13
CA ASN B 407 -3.13 24.71 -3.37
C ASN B 407 -2.06 23.95 -2.62
N PRO B 408 -0.95 23.58 -3.28
CA PRO B 408 0.09 22.80 -2.60
C PRO B 408 0.79 23.54 -1.47
N ALA B 409 0.73 24.87 -1.43
CA ALA B 409 1.38 25.63 -0.37
C ALA B 409 0.46 25.87 0.81
N LYS B 410 -0.81 25.49 0.71
CA LYS B 410 -1.73 25.62 1.82
C LYS B 410 -1.74 24.41 2.73
N ILE B 411 -1.05 23.33 2.36
CA ILE B 411 -0.96 22.13 3.18
C ILE B 411 -0.12 22.43 4.42
N PRO B 412 1.15 22.83 4.31
CA PRO B 412 1.89 23.19 5.52
C PRO B 412 1.31 24.39 6.24
N ALA B 413 0.78 25.37 5.52
CA ALA B 413 0.17 26.55 6.15
C ALA B 413 -1.04 26.19 6.98
N PHE B 414 -1.88 25.26 6.53
CA PHE B 414 -3.04 24.85 7.31
C PHE B 414 -2.67 23.93 8.45
N SER B 415 -1.70 23.03 8.28
CA SER B 415 -1.35 22.13 9.38
C SER B 415 -0.51 22.80 10.46
N ARG B 416 0.47 23.63 10.10
CA ARG B 416 1.36 24.25 11.05
C ARG B 416 0.69 25.36 11.86
N GLU B 417 -0.33 26.00 11.32
CA GLU B 417 -1.07 27.02 12.06
C GLU B 417 -2.16 26.43 12.94
N CYS B 418 -2.59 25.20 12.66
CA CYS B 418 -3.49 24.50 13.57
C CYS B 418 -2.75 23.80 14.69
N LEU B 419 -1.56 23.27 14.42
CA LEU B 419 -0.77 22.68 15.51
C LEU B 419 -0.26 23.71 16.49
N ARG B 420 0.00 24.93 16.03
CA ARG B 420 0.48 25.99 16.93
C ARG B 420 -0.58 26.30 17.99
N GLN B 421 -1.84 26.19 17.62
CA GLN B 421 -2.95 26.45 18.53
C GLN B 421 -3.53 25.17 19.11
N LYS B 422 -2.78 24.07 19.04
CA LYS B 422 -3.11 22.81 19.70
C LYS B 422 -4.39 22.18 19.14
N VAL B 423 -4.38 21.98 17.82
CA VAL B 423 -5.34 21.12 17.13
C VAL B 423 -4.56 20.32 16.10
N ALA B 424 -4.77 19.01 16.05
CA ALA B 424 -4.00 18.12 15.21
C ALA B 424 -4.89 17.56 14.09
N VAL B 425 -4.47 17.75 12.84
CA VAL B 425 -5.25 17.35 11.68
C VAL B 425 -4.33 16.62 10.70
N VAL B 426 -4.92 16.11 9.62
CA VAL B 426 -4.23 15.31 8.62
C VAL B 426 -4.43 15.95 7.25
N VAL B 427 -3.35 16.06 6.48
CA VAL B 427 -3.37 16.67 5.16
C VAL B 427 -2.77 15.71 4.14
N VAL B 428 -3.25 15.79 2.90
CA VAL B 428 -2.89 14.85 1.85
C VAL B 428 -2.54 15.63 0.59
N GLY B 429 -1.45 15.24 -0.08
CA GLY B 429 -0.87 16.01 -1.16
C GLY B 429 -1.11 15.45 -2.55
N PHE B 430 -0.18 15.78 -3.46
CA PHE B 430 -0.31 15.47 -4.88
C PHE B 430 0.06 14.03 -5.22
N PRO B 431 1.20 13.48 -4.76
CA PRO B 431 1.51 12.10 -5.15
C PRO B 431 0.42 11.11 -4.76
N ALA B 432 -0.31 11.42 -3.69
CA ALA B 432 -1.38 10.57 -3.19
C ALA B 432 -2.67 10.83 -3.95
N THR B 433 -3.14 12.06 -3.92
CA THR B 433 -4.37 12.43 -4.61
C THR B 433 -4.03 12.97 -5.99
N PRO B 434 -5.05 13.44 -6.72
CA PRO B 434 -4.86 14.04 -8.04
C PRO B 434 -4.18 15.41 -7.91
N LEU B 435 -3.49 15.83 -8.96
CA LEU B 435 -2.77 17.10 -8.94
C LEU B 435 -3.57 18.29 -8.44
N LEU B 436 -4.81 18.43 -8.90
CA LEU B 436 -5.61 19.58 -8.51
C LEU B 436 -6.35 19.51 -7.17
N LEU B 437 -6.57 18.31 -6.64
CA LEU B 437 -7.32 18.19 -5.39
C LEU B 437 -6.55 17.74 -4.16
N ALA B 438 -6.12 18.72 -3.36
CA ALA B 438 -5.42 18.45 -2.12
C ALA B 438 -6.40 18.82 -1.02
N ARG B 439 -6.41 18.09 0.09
CA ARG B 439 -7.38 18.38 1.13
C ARG B 439 -6.93 18.04 2.55
N ALA B 440 -7.80 18.35 3.51
CA ALA B 440 -7.53 18.05 4.90
C ALA B 440 -8.63 17.15 5.44
N ARG B 441 -8.26 16.14 6.20
CA ARG B 441 -9.19 15.13 6.67
C ARG B 441 -9.50 15.35 8.15
N ILE B 442 -10.79 15.43 8.47
CA ILE B 442 -11.26 15.66 9.83
C ILE B 442 -12.04 14.44 10.29
N CYS B 443 -11.64 13.86 11.41
CA CYS B 443 -12.29 12.69 11.98
C CYS B 443 -12.96 13.07 13.29
N ILE B 444 -14.26 12.81 13.38
CA ILE B 444 -15.05 13.16 14.55
C ILE B 444 -15.45 11.86 15.26
N SER B 445 -15.17 11.78 16.55
CA SER B 445 -15.43 10.57 17.32
C SER B 445 -16.57 10.80 18.30
N ALA B 446 -16.93 9.74 19.01
CA ALA B 446 -18.03 9.79 19.97
C ALA B 446 -17.51 10.11 21.35
N SER B 447 -16.22 10.39 21.47
CA SER B 447 -15.63 10.77 22.74
C SER B 447 -15.35 12.26 22.85
N HIS B 448 -15.46 13.02 21.76
CA HIS B 448 -15.34 14.46 21.82
C HIS B 448 -16.60 15.06 22.45
N SER B 449 -16.40 15.98 23.38
CA SER B 449 -17.52 16.71 23.95
C SER B 449 -17.87 17.89 23.05
N ARG B 450 -18.94 18.60 23.41
CA ARG B 450 -19.35 19.76 22.63
C ARG B 450 -18.39 20.94 22.80
N GLU B 451 -17.84 21.13 24.00
CA GLU B 451 -16.89 22.20 24.23
C GLU B 451 -15.64 22.05 23.37
N ASP B 452 -15.13 20.82 23.25
CA ASP B 452 -13.97 20.57 22.41
C ASP B 452 -14.26 20.94 20.96
N LEU B 453 -15.44 20.56 20.46
CA LEU B 453 -15.81 20.93 19.10
C LEU B 453 -15.94 22.43 18.92
N ILE B 454 -16.49 23.13 19.91
CA ILE B 454 -16.60 24.58 19.81
C ILE B 454 -15.21 25.22 19.74
N ARG B 455 -14.31 24.77 20.60
CA ARG B 455 -12.94 25.30 20.61
C ARG B 455 -12.27 25.02 19.27
N ALA B 456 -12.37 23.79 18.78
CA ALA B 456 -11.78 23.45 17.49
C ALA B 456 -12.34 24.27 16.34
N LEU B 457 -13.65 24.50 16.34
CA LEU B 457 -14.29 25.29 15.32
C LEU B 457 -13.84 26.74 15.32
N LYS B 458 -13.70 27.34 16.50
CA LYS B 458 -13.25 28.73 16.53
C LYS B 458 -11.78 28.90 16.16
N VAL B 459 -11.03 27.81 16.04
CA VAL B 459 -9.64 27.85 15.61
C VAL B 459 -9.59 27.61 14.10
N ILE B 460 -10.35 26.63 13.63
CA ILE B 460 -10.42 26.38 12.20
C ILE B 460 -11.00 27.56 11.45
N SER B 461 -11.95 28.28 12.05
CA SER B 461 -12.47 29.50 11.45
C SER B 461 -11.44 30.61 11.38
N LYS B 462 -10.60 30.75 12.40
CA LYS B 462 -9.58 31.79 12.43
C LYS B 462 -8.45 31.51 11.45
N VAL B 463 -8.06 30.24 11.29
CA VAL B 463 -7.00 29.91 10.34
C VAL B 463 -7.47 29.95 8.89
N GLY B 464 -8.77 29.79 8.65
CA GLY B 464 -9.29 29.86 7.29
C GLY B 464 -9.42 31.27 6.77
N ASP B 465 -9.33 32.26 7.67
CA ASP B 465 -9.26 33.65 7.24
C ASP B 465 -7.91 33.98 6.63
N LEU B 466 -6.83 33.54 7.28
CA LEU B 466 -5.49 33.80 6.75
C LEU B 466 -5.30 33.16 5.39
N SER B 467 -5.38 31.84 5.32
CA SER B 467 -5.18 31.12 4.07
C SER B 467 -6.25 31.43 3.03
N GLY B 468 -7.40 31.94 3.45
CA GLY B 468 -8.46 32.22 2.51
C GLY B 468 -9.02 30.98 1.84
N ILE B 469 -9.28 29.95 2.64
CA ILE B 469 -9.86 28.71 2.14
C ILE B 469 -11.38 28.69 2.30
N LYS B 470 -11.98 29.83 2.53
CA LYS B 470 -13.43 29.92 2.62
C LYS B 470 -13.90 30.26 1.22
N TYR B 471 -13.85 29.26 0.34
CA TYR B 471 -14.21 29.43 -1.07
C TYR B 471 -15.64 29.85 -1.39
N PHE B 472 -16.57 29.58 -0.49
CA PHE B 472 -17.96 29.95 -0.73
C PHE B 472 -18.37 31.18 0.09
N PRO B 473 -19.67 31.52 0.03
CA PRO B 473 -20.24 32.64 0.76
C PRO B 473 -20.67 32.21 2.15
N ALA B 474 -20.58 33.10 3.12
CA ALA B 474 -20.95 32.80 4.49
C ALA B 474 -22.46 32.89 4.76
N GLU B 475 -22.83 33.82 5.63
CA GLU B 475 -24.25 34.01 5.97
C GLU B 475 -24.47 35.40 6.55
N MET C 1 -14.45 37.51 -3.75
CA MET C 1 -13.39 37.34 -4.74
C MET C 1 -13.35 35.91 -5.28
N ALA C 2 -14.51 35.27 -5.36
CA ALA C 2 -14.58 33.89 -5.83
C ALA C 2 -15.90 33.66 -6.54
N ASN C 3 -15.81 33.34 -7.82
CA ASN C 3 -16.98 33.07 -8.66
C ASN C 3 -16.57 32.15 -9.80
N LEU C 4 -17.52 31.83 -10.66
CA LEU C 4 -17.23 30.95 -11.78
C LEU C 4 -16.74 29.59 -11.37
N TYR C 5 -17.62 28.80 -10.74
CA TYR C 5 -17.29 27.46 -10.34
C TYR C 5 -17.53 26.48 -11.48
N VAL C 6 -16.73 25.41 -11.51
CA VAL C 6 -16.87 24.36 -12.52
C VAL C 6 -16.84 23.03 -11.79
N LYS C 7 -17.78 22.14 -12.12
CA LYS C 7 -17.84 20.83 -11.50
C LYS C 7 -17.05 19.83 -12.35
N ALA C 8 -15.72 19.95 -12.30
CA ALA C 8 -14.84 19.08 -13.06
C ALA C 8 -15.15 17.61 -12.81
N VAL C 9 -15.58 16.92 -13.87
CA VAL C 9 -15.90 15.50 -13.77
C VAL C 9 -14.63 14.66 -13.91
N PRO C 10 -14.54 13.58 -13.13
CA PRO C 10 -13.38 12.68 -13.16
C PRO C 10 -13.47 11.66 -14.30
N PRO C 11 -12.44 11.60 -15.14
CA PRO C 11 -12.38 10.65 -16.26
C PRO C 11 -11.74 9.35 -15.83
N PRO C 12 -11.60 8.39 -16.75
CA PRO C 12 -10.99 7.09 -16.46
C PRO C 12 -9.49 7.23 -16.24
N ASP C 13 -8.72 7.21 -17.31
CA ASP C 13 -7.25 7.36 -17.28
C ASP C 13 -6.43 6.37 -16.45
N MET C 14 -6.56 6.40 -15.12
CA MET C 14 -5.81 5.52 -14.21
C MET C 14 -4.32 5.59 -14.51
N ASN C 15 -3.81 6.81 -14.60
CA ASN C 15 -2.41 7.10 -14.87
C ASN C 15 -2.16 8.51 -14.35
N ARG C 16 -1.57 8.59 -13.15
CA ARG C 16 -1.37 9.88 -12.49
C ARG C 16 -0.50 10.80 -13.34
N ASN C 17 0.33 10.23 -14.19
CA ASN C 17 1.24 11.01 -15.03
C ASN C 17 0.50 11.88 -16.04
N THR C 18 -0.56 11.35 -16.64
CA THR C 18 -1.22 12.07 -17.74
C THR C 18 -2.72 12.23 -17.55
N GLU C 19 -3.21 12.18 -16.31
CA GLU C 19 -4.63 12.37 -16.06
C GLU C 19 -4.99 13.77 -15.58
N TRP C 20 -4.00 14.58 -15.20
CA TRP C 20 -4.21 15.95 -14.75
C TRP C 20 -4.55 16.88 -15.90
N PHE C 21 -4.52 16.41 -17.14
CA PHE C 21 -4.66 17.27 -18.31
C PHE C 21 -6.12 17.39 -18.73
N MET C 22 -7.03 16.73 -18.02
CA MET C 22 -8.45 16.78 -18.35
C MET C 22 -9.26 17.76 -17.51
N TYR C 23 -8.66 18.27 -16.44
CA TYR C 23 -9.35 19.19 -15.56
C TYR C 23 -9.42 20.58 -16.18
N PRO C 24 -10.35 21.43 -15.74
CA PRO C 24 -10.50 22.76 -16.35
C PRO C 24 -9.39 23.71 -15.92
N GLY C 25 -8.82 24.42 -16.88
CA GLY C 25 -7.83 25.43 -16.59
C GLY C 25 -6.43 25.12 -17.12
N VAL C 26 -6.28 24.03 -17.87
CA VAL C 26 -4.99 23.62 -18.37
C VAL C 26 -4.62 24.33 -19.66
N TRP C 27 -5.58 24.86 -20.40
CA TRP C 27 -5.30 25.66 -21.59
C TRP C 27 -5.01 27.12 -21.26
N THR C 28 -5.82 27.68 -20.36
CA THR C 28 -5.68 29.07 -19.95
C THR C 28 -4.40 29.29 -19.14
N THR C 29 -3.73 28.22 -18.78
CA THR C 29 -2.49 28.32 -18.02
C THR C 29 -1.30 28.07 -18.93
N TYR C 30 -1.55 27.38 -20.03
CA TYR C 30 -0.49 27.09 -20.99
C TYR C 30 -0.21 28.36 -21.76
N MET C 31 -1.24 29.16 -21.99
CA MET C 31 -1.10 30.41 -22.72
C MET C 31 -0.66 31.53 -21.78
N LEU C 32 -1.01 31.41 -20.51
CA LEU C 32 -0.64 32.43 -19.53
C LEU C 32 0.84 32.31 -19.17
N ILE C 33 1.37 31.10 -19.30
CA ILE C 33 2.77 30.87 -18.99
C ILE C 33 3.65 31.31 -20.15
N LEU C 34 3.07 31.33 -21.35
CA LEU C 34 3.80 31.75 -22.54
C LEU C 34 3.79 33.26 -22.66
N PHE C 35 2.77 33.90 -22.09
CA PHE C 35 2.66 35.34 -22.12
C PHE C 35 3.48 35.95 -20.99
N PHE C 36 3.51 35.27 -19.85
CA PHE C 36 4.25 35.74 -18.69
C PHE C 36 5.75 35.71 -18.97
N GLY C 37 6.20 34.71 -19.71
CA GLY C 37 7.60 34.59 -20.04
C GLY C 37 8.03 35.66 -21.03
N TRP C 38 7.17 35.92 -22.01
CA TRP C 38 7.44 36.94 -23.02
C TRP C 38 7.71 38.28 -22.38
N LEU C 39 6.87 38.66 -21.43
CA LEU C 39 7.02 39.93 -20.73
C LEU C 39 8.21 39.94 -19.79
N VAL C 40 8.58 38.77 -19.29
CA VAL C 40 9.69 38.66 -18.36
C VAL C 40 11.05 38.76 -19.08
N VAL C 41 11.06 38.49 -20.38
CA VAL C 41 12.29 38.56 -21.15
C VAL C 41 12.42 39.92 -21.82
N LEU C 42 11.31 40.64 -21.93
CA LEU C 42 11.29 41.95 -22.56
C LEU C 42 11.65 43.04 -21.56
N SER C 43 11.67 42.69 -20.28
CA SER C 43 11.97 43.67 -19.25
C SER C 43 13.32 43.48 -18.56
N VAL C 44 13.71 42.24 -18.31
CA VAL C 44 15.00 42.02 -17.63
C VAL C 44 16.15 42.43 -18.53
N SER C 45 16.01 42.25 -19.84
CA SER C 45 17.04 42.62 -20.81
C SER C 45 16.37 43.36 -21.95
N GLY C 46 16.51 44.69 -21.97
CA GLY C 46 15.83 45.53 -22.95
C GLY C 46 16.08 45.11 -24.38
N CYS C 47 15.02 44.69 -25.07
CA CYS C 47 15.15 44.23 -26.45
C CYS C 47 13.96 44.69 -27.28
N SER C 48 13.81 44.12 -28.47
CA SER C 48 12.65 44.34 -29.32
C SER C 48 11.68 43.18 -29.15
N PRO C 49 10.39 43.39 -29.41
CA PRO C 49 9.44 42.29 -29.27
C PRO C 49 9.77 41.07 -30.12
N GLY C 50 10.29 41.29 -31.33
CA GLY C 50 10.65 40.17 -32.18
C GLY C 50 11.76 39.31 -31.61
N MET C 51 12.71 39.94 -30.95
CA MET C 51 13.81 39.23 -30.33
C MET C 51 13.38 38.60 -29.02
N ALA C 52 12.17 38.94 -28.57
CA ALA C 52 11.62 38.39 -27.34
C ALA C 52 10.71 37.22 -27.67
N TRP C 53 10.12 37.25 -28.87
CA TRP C 53 9.24 36.18 -29.31
C TRP C 53 10.05 35.01 -29.85
N THR C 54 11.31 35.26 -30.18
CA THR C 54 12.18 34.22 -30.69
C THR C 54 12.83 33.47 -29.53
N VAL C 55 13.05 34.18 -28.42
CA VAL C 55 13.65 33.57 -27.24
C VAL C 55 12.60 32.78 -26.46
N VAL C 56 11.34 33.14 -26.66
CA VAL C 56 10.24 32.45 -25.99
C VAL C 56 9.86 31.23 -26.79
N ASN C 57 10.25 31.19 -28.05
CA ASN C 57 9.93 30.07 -28.93
C ASN C 57 11.06 29.04 -28.93
N LEU C 58 12.27 29.51 -28.62
CA LEU C 58 13.43 28.62 -28.59
C LEU C 58 13.54 27.95 -27.23
N ALA C 59 13.10 28.65 -26.20
CA ALA C 59 13.14 28.12 -24.83
C ALA C 59 11.97 27.18 -24.60
N HIS C 60 10.93 27.33 -25.40
CA HIS C 60 9.74 26.49 -25.26
C HIS C 60 9.91 25.18 -26.02
N PHE C 61 10.92 25.10 -26.86
CA PHE C 61 11.19 23.89 -27.62
C PHE C 61 12.13 22.98 -26.87
N VAL C 62 12.95 23.57 -26.00
CA VAL C 62 13.91 22.81 -25.21
C VAL C 62 13.27 22.25 -23.96
N VAL C 63 12.21 22.90 -23.50
CA VAL C 63 11.51 22.47 -22.30
C VAL C 63 10.36 21.52 -22.61
N THR C 64 9.93 21.51 -23.86
CA THR C 64 8.82 20.65 -24.25
C THR C 64 9.29 19.35 -24.91
N TYR C 65 10.41 19.40 -25.61
CA TYR C 65 10.93 18.21 -26.27
C TYR C 65 11.56 17.26 -25.28
N HIS C 66 12.11 17.79 -24.20
CA HIS C 66 12.75 16.97 -23.19
C HIS C 66 11.75 16.44 -22.17
N SER C 67 10.53 16.97 -22.21
CA SER C 67 9.50 16.54 -21.26
C SER C 67 8.47 15.65 -21.94
N PHE C 68 8.12 15.99 -23.17
CA PHE C 68 7.12 15.22 -23.90
C PHE C 68 7.69 14.08 -24.76
N HIS C 69 8.90 14.26 -25.29
CA HIS C 69 9.47 13.24 -26.16
C HIS C 69 10.82 12.64 -25.77
N TRP C 70 11.27 12.87 -24.53
CA TRP C 70 12.55 12.31 -24.13
C TRP C 70 12.45 11.40 -22.90
N MET C 71 12.01 11.95 -21.78
CA MET C 71 11.87 11.18 -20.57
C MET C 71 10.75 10.16 -20.68
N LYS C 72 11.10 8.89 -20.51
CA LYS C 72 10.15 7.79 -20.57
C LYS C 72 9.92 7.28 -19.16
N GLY C 73 8.79 6.64 -18.93
CA GLY C 73 8.45 6.14 -17.62
C GLY C 73 7.57 7.13 -16.87
N THR C 74 7.33 6.82 -15.61
CA THR C 74 6.58 7.68 -14.71
C THR C 74 7.40 7.93 -13.46
N PRO C 75 7.25 9.10 -12.84
CA PRO C 75 8.00 9.38 -11.61
C PRO C 75 7.35 8.81 -10.36
N PHE C 76 6.40 7.89 -10.54
CA PHE C 76 5.70 7.25 -9.43
C PHE C 76 5.97 5.76 -9.48
N ALA C 77 6.44 5.21 -8.37
CA ALA C 77 6.75 3.78 -8.29
C ALA C 77 5.52 2.95 -7.96
N ASP C 78 4.38 3.62 -7.85
CA ASP C 78 3.12 2.96 -7.53
C ASP C 78 2.78 1.86 -8.53
N ASP C 79 2.97 2.15 -9.81
CA ASP C 79 2.66 1.21 -10.87
C ASP C 79 3.85 0.39 -11.33
N GLN C 80 4.70 0.00 -10.39
CA GLN C 80 5.88 -0.80 -10.70
C GLN C 80 6.72 -0.20 -11.81
N GLY C 81 6.29 -0.40 -13.05
CA GLY C 81 7.00 0.14 -14.18
C GLY C 81 6.39 -0.31 -15.49
N ILE C 82 5.07 -0.44 -15.50
CA ILE C 82 4.34 -0.88 -16.69
C ILE C 82 4.70 -0.04 -17.92
N TYR C 83 4.71 1.28 -17.76
CA TYR C 83 5.07 2.16 -18.87
C TYR C 83 6.54 2.52 -18.76
N ASN C 84 7.42 1.58 -19.04
CA ASN C 84 8.85 1.82 -18.93
C ASN C 84 9.50 2.13 -20.28
N GLY C 85 8.70 2.07 -21.33
CA GLY C 85 9.21 2.36 -22.66
C GLY C 85 8.20 3.16 -23.47
N LEU C 86 7.70 4.24 -22.87
CA LEU C 86 6.72 5.09 -23.53
C LEU C 86 6.91 6.54 -23.12
N THR C 87 7.19 7.41 -24.09
CA THR C 87 7.36 8.82 -23.81
C THR C 87 6.01 9.41 -23.45
N TRP C 88 6.01 10.37 -22.53
CA TRP C 88 4.79 11.01 -22.06
C TRP C 88 3.76 11.14 -23.19
N TRP C 89 4.23 11.57 -24.36
CA TRP C 89 3.31 11.75 -25.49
C TRP C 89 2.64 10.45 -25.88
N GLU C 90 3.37 9.34 -25.84
CA GLU C 90 2.79 8.04 -26.16
C GLU C 90 1.90 7.51 -25.06
N GLN C 91 2.06 8.03 -23.83
CA GLN C 91 1.23 7.61 -22.71
C GLN C 91 -0.09 8.37 -22.71
N MET C 92 -0.05 9.62 -23.14
CA MET C 92 -1.22 10.49 -23.17
C MET C 92 -2.44 9.85 -23.82
N ASP C 93 -3.59 10.02 -23.18
CA ASP C 93 -4.85 9.48 -23.70
C ASP C 93 -4.85 7.96 -23.97
N ASN C 94 -4.17 7.20 -23.11
CA ASN C 94 -4.13 5.75 -23.26
C ASN C 94 -3.97 5.25 -24.70
N GLY C 95 -3.06 5.86 -25.46
CA GLY C 95 -2.82 5.46 -26.83
C GLY C 95 -3.69 6.09 -27.90
N GLN C 96 -4.83 6.64 -27.50
CA GLN C 96 -5.75 7.27 -28.45
C GLN C 96 -5.08 8.33 -29.31
N GLN C 97 -5.43 8.38 -30.59
CA GLN C 97 -4.84 9.34 -31.50
C GLN C 97 -5.80 10.45 -31.92
N LEU C 98 -5.23 11.62 -32.22
CA LEU C 98 -6.00 12.78 -32.65
C LEU C 98 -7.22 13.06 -31.80
N THR C 99 -7.01 13.25 -30.50
CA THR C 99 -8.10 13.56 -29.58
C THR C 99 -8.25 15.07 -29.47
N ARG C 100 -9.08 15.50 -28.53
CA ARG C 100 -9.31 16.93 -28.32
C ARG C 100 -8.11 17.60 -27.67
N ASN C 101 -7.35 16.84 -26.88
CA ASN C 101 -6.18 17.37 -26.19
C ASN C 101 -4.90 17.19 -26.98
N ARG C 102 -4.90 16.25 -27.93
CA ARG C 102 -3.73 16.00 -28.73
C ARG C 102 -3.69 16.95 -29.93
N LYS C 103 -4.82 17.58 -30.21
CA LYS C 103 -4.93 18.51 -31.31
C LYS C 103 -4.50 19.90 -30.86
N PHE C 104 -4.64 20.18 -29.58
CA PHE C 104 -4.27 21.48 -29.03
C PHE C 104 -2.77 21.58 -28.78
N LEU C 105 -2.15 20.46 -28.40
CA LEU C 105 -0.72 20.45 -28.13
C LEU C 105 0.08 20.43 -29.41
N THR C 106 -0.54 20.02 -30.50
CA THR C 106 0.11 19.96 -31.81
C THR C 106 -0.10 21.26 -32.57
N LEU C 107 -1.06 22.06 -32.10
CA LEU C 107 -1.38 23.32 -32.76
C LEU C 107 -0.88 24.51 -31.96
N VAL C 108 -0.04 24.26 -30.96
CA VAL C 108 0.50 25.33 -30.13
C VAL C 108 1.89 25.76 -30.59
N PRO C 109 2.69 24.81 -31.08
CA PRO C 109 4.04 25.11 -31.55
C PRO C 109 3.99 25.69 -32.96
N VAL C 110 2.89 25.43 -33.67
CA VAL C 110 2.73 25.93 -35.02
C VAL C 110 2.25 27.38 -35.00
N VAL C 111 1.38 27.69 -34.06
CA VAL C 111 0.84 29.04 -33.91
C VAL C 111 1.81 29.95 -33.19
N LEU C 112 2.77 29.36 -32.49
CA LEU C 112 3.78 30.11 -31.78
C LEU C 112 5.01 30.35 -32.66
N TYR C 113 4.98 29.78 -33.87
CA TYR C 113 6.06 29.93 -34.82
C TYR C 113 5.67 30.95 -35.88
N LEU C 114 4.37 31.21 -35.99
CA LEU C 114 3.86 32.17 -36.96
C LEU C 114 3.97 33.58 -36.38
N ILE C 115 4.09 33.66 -35.06
CA ILE C 115 4.19 34.95 -34.38
C ILE C 115 5.65 35.36 -34.25
N ALA C 116 6.54 34.40 -34.36
CA ALA C 116 7.97 34.67 -34.24
C ALA C 116 8.62 34.84 -35.60
N SER C 117 7.78 34.88 -36.64
CA SER C 117 8.27 35.04 -38.01
C SER C 117 7.67 36.28 -38.65
N HIS C 118 6.47 36.65 -38.21
CA HIS C 118 5.79 37.81 -38.75
C HIS C 118 5.98 39.04 -37.86
N THR C 119 7.01 39.00 -37.02
CA THR C 119 7.32 40.10 -36.12
C THR C 119 8.82 40.32 -36.14
N THR C 120 9.48 39.67 -37.10
CA THR C 120 10.93 39.78 -37.25
C THR C 120 11.31 39.84 -38.72
N ASP C 121 10.30 40.05 -39.56
CA ASP C 121 10.47 40.13 -41.00
C ASP C 121 11.36 39.03 -41.54
N TYR C 122 11.16 37.81 -41.05
CA TYR C 122 11.91 36.61 -41.47
C TYR C 122 13.44 36.60 -41.28
N ARG C 123 14.16 37.46 -42.01
CA ARG C 123 15.62 37.55 -41.94
C ARG C 123 16.30 36.21 -42.26
N HIS C 124 17.42 35.93 -41.60
CA HIS C 124 18.12 34.67 -41.86
C HIS C 124 18.96 34.18 -40.69
N PRO C 125 19.17 35.02 -39.69
CA PRO C 125 19.93 34.56 -38.54
C PRO C 125 18.98 33.90 -37.55
N TRP C 126 17.69 34.21 -37.67
CA TRP C 126 16.67 33.67 -36.77
C TRP C 126 15.61 32.82 -37.46
N LEU C 127 15.53 32.88 -38.78
CA LEU C 127 14.54 32.08 -39.50
C LEU C 127 14.95 30.63 -39.55
N PHE C 128 16.25 30.38 -39.50
CA PHE C 128 16.75 29.01 -39.51
C PHE C 128 16.33 28.32 -38.23
N LEU C 129 16.76 28.85 -37.10
CA LEU C 129 16.45 28.28 -35.79
C LEU C 129 14.95 28.05 -35.56
N ASN C 130 14.14 29.05 -35.91
CA ASN C 130 12.70 28.96 -35.72
C ASN C 130 12.05 28.00 -36.70
N THR C 131 12.85 27.48 -37.63
CA THR C 131 12.32 26.53 -38.61
C THR C 131 12.75 25.12 -38.24
N LEU C 132 13.81 25.03 -37.44
CA LEU C 132 14.30 23.74 -36.97
C LEU C 132 13.45 23.30 -35.80
N ALA C 133 12.93 24.27 -35.06
CA ALA C 133 12.10 23.99 -33.91
C ALA C 133 10.82 23.29 -34.32
N VAL C 134 9.94 24.00 -35.01
CA VAL C 134 8.68 23.42 -35.46
C VAL C 134 8.84 22.12 -36.23
N MET C 135 9.79 22.09 -37.16
CA MET C 135 10.02 20.88 -37.95
C MET C 135 10.27 19.67 -37.07
N VAL C 136 11.18 19.79 -36.12
CA VAL C 136 11.53 18.70 -35.22
C VAL C 136 10.46 18.45 -34.15
N LEU C 137 9.68 19.48 -33.84
CA LEU C 137 8.66 19.38 -32.81
C LEU C 137 7.31 18.89 -33.33
N VAL C 138 7.03 19.11 -34.61
CA VAL C 138 5.76 18.69 -35.18
C VAL C 138 5.85 17.30 -35.78
N VAL C 139 7.05 16.91 -36.19
CA VAL C 139 7.26 15.60 -36.80
C VAL C 139 7.13 14.49 -35.76
N ALA C 140 7.50 14.80 -34.51
CA ALA C 140 7.42 13.84 -33.42
C ALA C 140 6.00 13.60 -32.93
N LYS C 141 5.10 14.54 -33.21
CA LYS C 141 3.71 14.41 -32.80
C LYS C 141 2.82 13.87 -33.92
N PHE C 142 3.40 13.08 -34.81
CA PHE C 142 2.65 12.48 -35.90
C PHE C 142 2.00 11.21 -35.40
N PRO C 143 0.89 10.80 -36.03
CA PRO C 143 0.20 9.57 -35.62
C PRO C 143 0.89 8.30 -36.10
N ASN C 144 1.80 8.42 -37.06
CA ASN C 144 2.53 7.27 -37.58
C ASN C 144 3.80 7.01 -36.81
N MET C 145 4.42 8.08 -36.29
CA MET C 145 5.65 7.96 -35.54
C MET C 145 5.38 7.53 -34.11
N HIS C 146 4.56 6.50 -33.96
CA HIS C 146 4.19 6.00 -32.64
C HIS C 146 5.09 4.81 -32.30
N LYS C 147 5.87 4.94 -31.23
CA LYS C 147 6.78 3.90 -30.77
C LYS C 147 7.81 3.52 -31.83
N VAL C 148 8.24 4.49 -32.62
CA VAL C 148 9.29 4.29 -33.62
C VAL C 148 10.47 5.17 -33.24
N ARG C 149 11.67 4.61 -33.32
CA ARG C 149 12.89 5.32 -32.96
C ARG C 149 13.80 5.43 -34.18
N ILE C 150 14.44 6.59 -34.33
CA ILE C 150 15.30 6.84 -35.47
C ILE C 150 16.68 6.26 -35.18
N PHE C 151 17.07 5.26 -35.96
CA PHE C 151 18.41 4.66 -35.89
C PHE C 151 18.67 4.08 -34.50
N GLY C 152 17.60 3.64 -33.85
CA GLY C 152 17.69 3.04 -32.54
C GLY C 152 18.25 3.96 -31.47
N ILE C 153 17.86 5.23 -31.50
CA ILE C 153 18.29 6.21 -30.52
C ILE C 153 17.24 6.25 -29.41
N ASN C 154 17.64 5.88 -28.20
CA ASN C 154 16.78 5.92 -27.03
C ASN C 154 15.52 5.07 -27.25
N GLY C 155 15.73 3.78 -27.46
CA GLY C 155 14.60 2.91 -27.74
C GLY C 155 14.63 1.54 -27.10
N ASP C 156 15.69 1.25 -26.34
CA ASP C 156 15.81 -0.03 -25.66
C ASP C 156 16.53 0.15 -24.32
N GLY D 36 7.73 35.37 -50.44
CA GLY D 36 8.46 34.63 -49.43
C GLY D 36 7.94 34.85 -48.02
N HIS D 37 6.99 35.78 -47.90
CA HIS D 37 6.37 36.08 -46.61
C HIS D 37 4.91 35.67 -46.56
N PHE D 38 4.27 35.48 -47.72
CA PHE D 38 2.87 35.09 -47.77
C PHE D 38 2.67 33.64 -48.19
N PHE D 39 3.68 32.99 -48.77
CA PHE D 39 3.56 31.59 -49.16
C PHE D 39 3.60 30.65 -47.95
N VAL D 40 4.19 31.09 -46.84
CA VAL D 40 4.23 30.26 -45.64
C VAL D 40 3.01 30.47 -44.77
N GLU D 41 2.61 31.73 -44.55
CA GLU D 41 1.39 31.99 -43.79
C GLU D 41 0.16 31.50 -44.54
N GLY D 42 0.22 31.40 -45.86
CA GLY D 42 -0.91 30.94 -46.64
C GLY D 42 -1.02 29.43 -46.68
N LEU D 43 0.10 28.74 -46.43
CA LEU D 43 0.10 27.29 -46.45
C LEU D 43 -0.23 26.67 -45.10
N LEU D 44 0.26 27.24 -44.01
CA LEU D 44 -0.02 26.70 -42.69
C LEU D 44 -1.51 26.76 -42.33
N GLY D 45 -2.20 27.83 -42.74
CA GLY D 45 -3.63 27.89 -42.51
C GLY D 45 -4.37 26.75 -43.19
N VAL D 46 -3.87 26.27 -44.32
CA VAL D 46 -4.43 25.09 -44.96
C VAL D 46 -4.12 23.84 -44.15
N VAL D 47 -2.87 23.71 -43.68
CA VAL D 47 -2.49 22.55 -42.88
C VAL D 47 -3.20 22.54 -41.54
N ILE D 48 -3.41 23.72 -40.95
CA ILE D 48 -4.09 23.81 -39.65
C ILE D 48 -5.51 23.26 -39.76
N ILE D 49 -6.23 23.61 -40.82
CA ILE D 49 -7.58 23.09 -41.02
C ILE D 49 -7.60 21.58 -41.23
N ILE D 50 -6.50 21.00 -41.73
CA ILE D 50 -6.48 19.57 -41.99
C ILE D 50 -6.57 18.74 -40.72
N LEU D 51 -5.79 19.05 -39.68
CA LEU D 51 -5.81 18.23 -38.48
C LEU D 51 -6.89 18.63 -37.48
N LEU D 52 -7.48 19.81 -37.62
CA LEU D 52 -8.58 20.20 -36.74
C LEU D 52 -9.89 19.55 -37.14
N THR D 53 -9.89 18.72 -38.18
CA THR D 53 -11.09 18.05 -38.64
C THR D 53 -10.95 16.54 -38.69
N ARG D 54 -9.78 16.00 -38.33
CA ARG D 54 -9.58 14.56 -38.36
C ARG D 54 -10.38 13.88 -37.26
N LYS D 55 -10.63 12.59 -37.44
CA LYS D 55 -11.43 11.81 -36.49
C LYS D 55 -10.49 11.07 -35.55
N SER D 56 -10.80 11.10 -34.25
CA SER D 56 -10.01 10.38 -33.27
C SER D 56 -10.21 8.89 -33.43
N TYR D 57 -9.11 8.14 -33.51
CA TYR D 57 -9.21 6.69 -33.74
C TYR D 57 -8.27 5.97 -32.79
N LYS D 58 -8.62 4.73 -32.49
CA LYS D 58 -7.85 3.85 -31.62
C LYS D 58 -6.58 3.40 -32.33
N PRO D 59 -5.53 3.04 -31.61
CA PRO D 59 -4.36 2.47 -32.28
C PRO D 59 -4.66 1.08 -32.78
N PRO D 60 -3.89 0.56 -33.72
CA PRO D 60 -4.25 -0.75 -34.32
C PRO D 60 -4.10 -1.89 -33.35
N LYS D 61 -4.45 -3.10 -33.78
CA LYS D 61 -4.49 -4.24 -32.89
C LYS D 61 -3.40 -5.25 -33.24
N ARG D 62 -3.28 -6.31 -32.46
CA ARG D 62 -2.29 -7.36 -32.69
C ARG D 62 -2.97 -8.57 -33.31
N MET E 22 -0.71 40.94 13.14
CA MET E 22 -0.53 41.26 11.73
C MET E 22 -1.48 42.36 11.27
N ASN E 23 -0.93 43.37 10.60
CA ASN E 23 -1.76 44.42 10.02
C ASN E 23 -2.26 43.99 8.65
N TRP E 24 -2.86 44.91 7.90
CA TRP E 24 -3.47 44.60 6.61
C TRP E 24 -2.47 44.16 5.55
N VAL E 25 -1.40 44.91 5.36
CA VAL E 25 -0.40 44.53 4.36
C VAL E 25 0.35 43.27 4.77
N GLN E 26 0.62 43.08 6.07
CA GLN E 26 1.27 41.87 6.54
C GLN E 26 0.42 40.63 6.36
N ARG E 27 -0.90 40.78 6.22
CA ARG E 27 -1.77 39.67 5.91
C ARG E 27 -1.94 39.44 4.41
N LYS E 28 -2.01 40.51 3.61
CA LYS E 28 -2.05 40.33 2.17
C LYS E 28 -0.76 39.76 1.61
N ILE E 29 0.40 40.15 2.14
CA ILE E 29 1.65 39.51 1.72
C ILE E 29 1.66 38.03 2.06
N TYR E 30 1.17 37.66 3.24
CA TYR E 30 1.05 36.25 3.60
C TYR E 30 0.10 35.49 2.68
N LEU E 31 -1.06 36.06 2.37
CA LEU E 31 -1.99 35.41 1.44
C LEU E 31 -1.41 35.28 0.05
N TYR E 32 -0.62 36.24 -0.40
CA TYR E 32 0.06 36.13 -1.68
C TYR E 32 1.05 34.98 -1.73
N ASN E 33 1.67 34.62 -0.60
CA ASN E 33 2.69 33.59 -0.60
C ASN E 33 2.08 32.19 -0.74
N VAL E 34 0.99 31.91 -0.03
CA VAL E 34 0.41 30.57 -0.06
C VAL E 34 -0.25 30.28 -1.40
N THR E 35 -0.89 31.27 -2.02
CA THR E 35 -1.61 31.02 -3.26
C THR E 35 -0.68 30.71 -4.42
N PHE E 36 0.50 31.31 -4.47
CA PHE E 36 1.40 31.13 -5.60
C PHE E 36 2.54 30.17 -5.31
N GLY E 37 2.58 29.56 -4.13
CA GLY E 37 3.54 28.51 -3.86
C GLY E 37 4.91 28.97 -3.41
N LEU E 38 5.04 30.22 -2.98
CA LEU E 38 6.33 30.72 -2.50
C LEU E 38 6.56 30.41 -1.03
N TYR E 39 5.55 29.92 -0.32
CA TYR E 39 5.68 29.59 1.08
C TYR E 39 6.58 28.37 1.30
N MET E 40 6.67 27.50 0.29
CA MET E 40 7.44 26.27 0.40
C MET E 40 8.90 26.43 0.03
N LEU E 41 9.18 27.26 -0.96
CA LEU E 41 10.54 27.48 -1.44
C LEU E 41 11.50 27.89 -0.34
N ASP E 42 12.79 27.92 -0.68
CA ASP E 42 13.83 28.29 0.27
C ASP E 42 14.10 29.79 0.22
N TRP E 43 14.93 30.27 1.13
CA TRP E 43 15.24 31.70 1.21
C TRP E 43 15.79 32.37 -0.05
N TRP E 44 16.51 31.64 -0.88
CA TRP E 44 17.07 32.22 -2.10
C TRP E 44 16.13 32.07 -3.28
N GLU E 45 15.42 30.95 -3.32
CA GLU E 45 14.48 30.68 -4.40
C GLU E 45 13.34 31.68 -4.34
N ARG E 46 12.89 31.98 -3.13
CA ARG E 46 11.80 32.92 -2.94
C ARG E 46 12.23 34.34 -3.24
N TYR E 47 13.51 34.63 -3.01
CA TYR E 47 14.04 35.97 -3.26
C TYR E 47 14.48 36.14 -4.71
N LEU E 48 14.63 35.04 -5.42
CA LEU E 48 15.05 35.10 -6.82
C LEU E 48 13.85 35.29 -7.73
N PHE E 49 12.67 34.93 -7.24
CA PHE E 49 11.44 35.07 -8.00
C PHE E 49 10.72 36.34 -7.62
N ASN E 50 10.89 36.78 -6.38
CA ASN E 50 10.26 38.00 -5.91
C ASN E 50 10.93 39.19 -6.55
N SER E 51 12.24 39.09 -6.76
CA SER E 51 13.01 40.17 -7.37
C SER E 51 12.78 40.26 -8.86
N LEU E 52 12.36 39.15 -9.47
CA LEU E 52 12.12 39.14 -10.90
C LEU E 52 10.71 39.57 -11.25
N VAL E 53 9.87 39.73 -10.24
CA VAL E 53 8.48 40.16 -10.45
C VAL E 53 8.34 41.63 -10.13
N VAL E 54 9.28 42.14 -9.35
CA VAL E 54 9.28 43.55 -8.97
C VAL E 54 9.86 44.38 -10.11
N VAL E 55 10.61 43.72 -10.98
CA VAL E 55 11.22 44.38 -12.14
C VAL E 55 10.25 44.41 -13.30
N LEU E 56 9.31 43.48 -13.33
CA LEU E 56 8.32 43.41 -14.39
C LEU E 56 7.13 44.31 -14.09
N MET E 57 7.05 44.77 -12.84
CA MET E 57 5.98 45.64 -12.41
C MET E 57 6.38 47.10 -12.61
N TRP E 58 7.68 47.33 -12.76
CA TRP E 58 8.19 48.68 -12.97
C TRP E 58 8.37 48.95 -14.45
N PHE E 59 8.53 47.90 -15.23
CA PHE E 59 8.71 48.05 -16.67
C PHE E 59 7.37 48.18 -17.38
N VAL E 60 6.29 47.84 -16.68
CA VAL E 60 4.96 47.96 -17.27
C VAL E 60 4.36 49.30 -16.91
N LEU E 61 4.53 49.70 -15.65
CA LEU E 61 4.00 50.97 -15.20
C LEU E 61 4.60 52.11 -16.00
N TYR E 62 5.92 52.26 -15.91
CA TYR E 62 6.62 53.31 -16.61
C TYR E 62 6.34 53.34 -18.11
N ASN E 63 6.72 52.26 -18.80
CA ASN E 63 6.52 52.16 -20.23
C ASN E 63 5.05 52.28 -20.63
N GLY E 64 4.25 51.29 -20.23
CA GLY E 64 2.84 51.26 -20.55
C GLY E 64 2.03 52.54 -20.38
N THR E 65 2.27 53.25 -19.29
CA THR E 65 1.54 54.50 -19.01
C THR E 65 2.20 55.74 -19.61
N ARG E 66 3.24 55.55 -20.41
CA ARG E 66 3.93 56.69 -21.03
C ARG E 66 4.26 56.47 -22.50
N TYR E 67 4.35 55.21 -22.91
CA TYR E 67 4.69 54.87 -24.30
C TYR E 67 3.46 54.85 -25.21
N PHE E 68 2.28 55.01 -24.62
CA PHE E 68 1.03 55.02 -25.37
C PHE E 68 0.37 56.38 -25.25
N SER E 69 -0.10 56.70 -24.05
CA SER E 69 -0.75 57.98 -23.79
C SER E 69 0.13 59.15 -24.18
N1 PLP F . -9.09 -1.64 2.81
C2 PLP F . -10.06 -0.71 2.78
C2A PLP F . -11.18 -0.82 1.77
C3 PLP F . -10.06 0.40 3.75
O3 PLP F . -11.03 1.37 3.74
C4 PLP F . -8.93 0.46 4.72
C4A PLP F . -8.83 1.55 5.73
C5 PLP F . -7.93 -0.62 4.65
C6 PLP F . -8.07 -1.62 3.69
C5A PLP F . -6.76 -0.65 5.60
O4P PLP F . -6.62 -1.95 6.15
P PLP F . -6.01 -2.16 7.63
O1P PLP F . -7.15 -2.79 8.40
O2P PLP F . -4.83 -3.07 7.42
O3P PLP F . -5.66 -0.76 8.08
C1 Z1T G . 8.02 29.24 -13.84
N1 Z1T G . 5.68 13.96 -15.20
O1 Z1T G . 8.03 14.33 -17.95
C2 Z1T G . 6.64 29.12 -14.49
O2 Z1T G . 7.69 12.10 -16.70
C3 Z1T G . 6.61 27.91 -15.43
C4 Z1T G . 8.03 27.56 -15.87
C5 Z1T G . 8.03 26.17 -16.52
C6 Z1T G . 6.92 25.33 -15.90
C7 Z1T G . 6.22 24.56 -17.00
C8 Z1T G . 6.77 23.14 -17.02
C9 Z1T G . 5.60 22.15 -17.10
C10 Z1T G . 6.11 20.81 -17.61
C11 Z1T G . 4.94 19.87 -17.78
C12 Z1T G . 5.42 18.43 -17.59
C13 Z1T G . 4.48 17.50 -18.35
C14 Z1T G . 4.95 16.07 -18.17
C15 Z1T G . 6.31 15.94 -17.48
C16 Z1T G . 6.79 14.50 -17.29
C17 Z1T G . 6.99 14.23 -15.80
C18 Z1T G . 7.90 13.02 -15.63
O3 Z1T G . 5.98 15.29 -13.38
C19 Z1T G . 5.29 14.52 -14.05
C20 Z1T G . 3.89 14.13 -13.61
C21 Z1T G . 2.92 15.12 -14.23
C22 Z1T G . 2.71 16.28 -13.25
C23 Z1T G . 3.62 17.44 -13.65
C24 Z1T G . 3.06 18.72 -13.06
C25 Z1T G . 3.53 19.90 -13.90
C26 Z1T G . 2.31 20.66 -14.42
C27 Z1T G . 2.35 22.09 -13.89
C28 Z1T G . 1.84 23.04 -14.97
C29 Z1T G . 0.83 22.31 -15.85
C30 Z1T G . 0.10 23.30 -16.75
C31 Z1T G . 0.98 24.53 -16.97
C32 Z1T G . 1.96 24.23 -18.11
C33 Z1T G . 1.34 23.24 -19.08
C34 Z1T G . 2.37 22.86 -20.14
C35 Z1T G . 3.36 24.00 -20.34
C36 Z1T G . 4.51 23.55 -21.23
C37 Z1T G . 5.77 24.32 -20.85
C38 Z1T G . 5.61 25.79 -21.26
C39 Z1T G . 6.92 26.29 -21.84
C40 Z1T G . 7.61 27.20 -20.82
C41 Z1T G . 8.77 27.94 -21.50
C42 Z1T G . 8.50 29.44 -21.48
#